data_1BQ4
#
_entry.id   1BQ4
#
_cell.length_a   82.510
_cell.length_b   92.520
_cell.length_c   148.050
_cell.angle_alpha   90.00
_cell.angle_beta   90.00
_cell.angle_gamma   90.00
#
_symmetry.space_group_name_H-M   'P 1 21 1'
#
loop_
_entity.id
_entity.type
_entity.pdbx_description
1 polymer 'PROTEIN (PHOSPHOGLYCERATE MUTASE 1)'
2 non-polymer 'SULFATE ION'
3 non-polymer 'BENZENE HEXACARBOXYLIC ACID'
#
_entity_poly.entity_id   1
_entity_poly.type   'polypeptide(L)'
_entity_poly.pdbx_seq_one_letter_code
;PKLVLVRHGQSEWNEKNLFTGWVDVKLSAKGQQEAARAGELLKEKKVYPDVLYTSKLSRAIQTANIALEKADRLWIPVNR
SWRLNERHYGDLQGKDKAETLKKFGEEKFNTYRRSFDVPPPPIDASSPFSQKGDERYKYVDPNVLPETESLALVIDRLLP
YWQDVIAKDLLSGKTVMIAAHGNSLRGLVKHLEGISDADIAKLNIPTGIPLVFELDENLKPSKPSYYLDPEAAAAGAAAV
ANQGKK
;
_entity_poly.pdbx_strand_id   D,C,A,B
#
loop_
_chem_comp.id
_chem_comp.type
_chem_comp.name
_chem_comp.formula
BHC non-polymer 'BENZENE HEXACARBOXYLIC ACID' 'C12 H6 O12'
SO4 non-polymer 'SULFATE ION' 'O4 S -2'
#
# COMPACT_ATOMS: atom_id res chain seq x y z
N PRO A 1 -20.75 8.28 -3.22
CA PRO A 1 -19.42 8.93 -3.12
C PRO A 1 -19.52 10.41 -2.71
N LYS A 2 -19.01 10.75 -1.52
CA LYS A 2 -18.99 12.15 -1.06
C LYS A 2 -17.55 12.69 -1.05
N LEU A 3 -17.35 13.82 -1.69
CA LEU A 3 -15.99 14.33 -1.78
C LEU A 3 -16.07 15.69 -1.16
N VAL A 4 -15.00 16.09 -0.48
CA VAL A 4 -14.92 17.42 0.13
C VAL A 4 -13.58 18.03 -0.30
N LEU A 5 -13.66 19.25 -0.81
CA LEU A 5 -12.49 19.97 -1.26
C LEU A 5 -12.19 21.16 -0.32
N VAL A 6 -10.91 21.34 0.02
CA VAL A 6 -10.49 22.44 0.89
C VAL A 6 -9.28 23.22 0.33
N ARG A 7 -9.53 24.47 -0.02
CA ARG A 7 -8.44 25.27 -0.50
C ARG A 7 -7.86 25.81 0.79
N HIS A 8 -6.55 26.09 0.81
CA HIS A 8 -5.86 26.58 1.98
C HIS A 8 -5.90 28.07 1.89
N GLY A 9 -5.60 28.74 3.00
CA GLY A 9 -5.63 30.20 3.03
C GLY A 9 -4.31 30.91 2.76
N GLN A 10 -4.26 32.21 3.03
CA GLN A 10 -3.06 32.97 2.72
C GLN A 10 -1.80 32.40 3.29
N SER A 11 -0.83 32.19 2.41
CA SER A 11 0.49 31.71 2.83
C SER A 11 1.34 32.94 3.21
N GLU A 12 2.57 32.71 3.64
CA GLU A 12 3.46 33.82 3.98
C GLU A 12 3.54 34.73 2.76
N TRP A 13 3.75 34.10 1.60
CA TRP A 13 3.89 34.79 0.35
C TRP A 13 2.70 35.56 -0.24
N ASN A 14 1.46 35.21 0.12
CA ASN A 14 0.30 35.92 -0.45
C ASN A 14 0.13 37.36 0.06
N GLU A 15 0.94 37.71 1.05
CA GLU A 15 0.96 39.02 1.67
C GLU A 15 2.15 39.82 1.12
N LYS A 16 3.25 39.12 0.80
CA LYS A 16 4.48 39.75 0.30
C LYS A 16 4.45 40.06 -1.21
N ASN A 17 3.32 39.72 -1.83
CA ASN A 17 3.06 39.91 -3.26
C ASN A 17 3.91 39.08 -4.21
N LEU A 18 4.26 37.86 -3.81
CA LEU A 18 5.06 36.99 -4.71
C LEU A 18 4.30 35.74 -5.22
N PHE A 19 4.65 35.30 -6.43
CA PHE A 19 4.05 34.10 -7.05
C PHE A 19 4.73 32.97 -6.36
N THR A 20 3.94 32.02 -5.90
CA THR A 20 4.49 30.89 -5.15
C THR A 20 4.65 29.65 -5.98
N GLY A 21 3.53 29.21 -6.56
CA GLY A 21 3.57 28.01 -7.37
C GLY A 21 4.02 26.80 -6.56
N TRP A 22 5.13 26.19 -6.97
CA TRP A 22 5.66 25.01 -6.29
C TRP A 22 6.56 25.29 -5.08
N VAL A 23 6.70 26.55 -4.68
CA VAL A 23 7.54 26.87 -3.56
C VAL A 23 6.78 26.45 -2.31
N ASP A 24 7.48 25.75 -1.41
CA ASP A 24 6.90 25.24 -0.18
C ASP A 24 6.91 26.32 0.87
N VAL A 25 6.11 27.31 0.59
CA VAL A 25 5.93 28.43 1.46
C VAL A 25 4.96 28.02 2.57
N LYS A 26 5.25 28.41 3.82
CA LYS A 26 4.36 28.04 4.92
C LYS A 26 3.21 29.02 5.04
N LEU A 27 2.10 28.50 5.54
CA LEU A 27 0.88 29.24 5.76
C LEU A 27 1.17 30.34 6.84
N SER A 28 0.36 31.39 6.92
CA SER A 28 0.63 32.39 7.95
C SER A 28 -0.49 32.32 8.99
N ALA A 29 -0.53 33.30 9.89
CA ALA A 29 -1.57 33.35 10.93
C ALA A 29 -3.02 33.20 10.40
N LYS A 30 -3.44 34.03 9.44
CA LYS A 30 -4.82 33.91 8.95
C LYS A 30 -4.99 32.61 8.19
N GLY A 31 -3.89 32.17 7.56
CA GLY A 31 -3.93 30.94 6.82
C GLY A 31 -4.26 29.83 7.80
N GLN A 32 -3.55 29.85 8.94
CA GLN A 32 -3.75 28.87 9.99
C GLN A 32 -5.05 29.05 10.77
N GLN A 33 -5.76 30.15 10.54
CA GLN A 33 -7.03 30.43 11.22
C GLN A 33 -8.18 29.87 10.43
N GLU A 34 -8.18 30.15 9.11
CA GLU A 34 -9.22 29.69 8.18
C GLU A 34 -9.31 28.17 8.08
N ALA A 35 -8.18 27.50 8.29
CA ALA A 35 -8.09 26.05 8.25
C ALA A 35 -8.87 25.45 9.42
N ALA A 36 -8.74 26.09 10.59
CA ALA A 36 -9.44 25.68 11.80
C ALA A 36 -10.94 25.93 11.66
N ARG A 37 -11.32 26.91 10.82
CA ARG A 37 -12.71 27.29 10.54
C ARG A 37 -13.37 26.33 9.57
N ALA A 38 -12.54 25.75 8.70
CA ALA A 38 -12.95 24.75 7.71
C ALA A 38 -13.24 23.48 8.52
N GLY A 39 -12.36 23.21 9.49
CA GLY A 39 -12.53 22.06 10.37
C GLY A 39 -13.82 22.14 11.19
N GLU A 40 -14.08 23.31 11.80
CA GLU A 40 -15.27 23.57 12.62
C GLU A 40 -16.55 23.42 11.76
N LEU A 41 -16.46 23.92 10.53
CA LEU A 41 -17.56 23.88 9.55
C LEU A 41 -17.97 22.46 9.18
N LEU A 42 -16.96 21.58 9.07
CA LEU A 42 -17.13 20.15 8.76
C LEU A 42 -17.85 19.44 9.90
N LYS A 43 -17.36 19.64 11.11
CA LYS A 43 -18.00 19.05 12.30
C LYS A 43 -19.44 19.51 12.36
N GLU A 44 -19.61 20.83 12.27
CA GLU A 44 -20.92 21.46 12.33
C GLU A 44 -21.87 20.85 11.34
N LYS A 45 -21.54 20.96 10.05
CA LYS A 45 -22.40 20.42 9.01
C LYS A 45 -22.40 18.90 8.92
N LYS A 46 -21.72 18.29 9.89
CA LYS A 46 -21.67 16.84 9.98
C LYS A 46 -21.12 16.18 8.72
N VAL A 47 -19.94 16.60 8.26
CA VAL A 47 -19.31 15.98 7.08
C VAL A 47 -18.05 15.25 7.54
N TYR A 48 -18.16 13.94 7.68
CA TYR A 48 -17.05 13.15 8.17
C TYR A 48 -16.20 12.35 7.16
N PRO A 49 -15.08 12.96 6.69
CA PRO A 49 -14.16 12.33 5.74
C PRO A 49 -13.72 10.94 6.25
N ASP A 50 -13.51 10.00 5.34
CA ASP A 50 -13.08 8.66 5.74
C ASP A 50 -11.58 8.47 5.47
N VAL A 51 -11.06 9.36 4.60
CA VAL A 51 -9.67 9.34 4.18
C VAL A 51 -9.24 10.69 3.58
N LEU A 52 -7.95 10.99 3.67
CA LEU A 52 -7.41 12.26 3.21
C LEU A 52 -6.35 12.22 2.16
N TYR A 53 -6.52 13.14 1.20
CA TYR A 53 -5.61 13.34 0.09
C TYR A 53 -5.13 14.76 0.18
N THR A 54 -3.82 14.96 0.08
CA THR A 54 -3.28 16.31 0.09
C THR A 54 -2.21 16.38 -0.94
N SER A 55 -1.80 17.59 -1.27
CA SER A 55 -0.72 17.79 -2.21
C SER A 55 0.56 17.49 -1.41
N LYS A 56 1.69 17.97 -1.92
CA LYS A 56 2.95 17.81 -1.24
C LYS A 56 3.48 19.18 -0.82
N LEU A 57 2.60 20.17 -0.77
CA LEU A 57 2.99 21.51 -0.34
C LEU A 57 2.50 21.72 1.10
N SER A 58 3.42 22.12 1.96
CA SER A 58 3.14 22.33 3.36
C SER A 58 1.85 23.09 3.64
N ARG A 59 1.63 24.22 2.97
CA ARG A 59 0.43 25.04 3.22
C ARG A 59 -0.90 24.28 3.27
N ALA A 60 -1.05 23.25 2.42
CA ALA A 60 -2.29 22.48 2.38
C ALA A 60 -2.22 21.30 3.32
N ILE A 61 -1.01 20.80 3.58
CA ILE A 61 -0.87 19.70 4.54
C ILE A 61 -1.25 20.25 5.94
N GLN A 62 -0.84 21.49 6.22
CA GLN A 62 -1.10 22.23 7.46
C GLN A 62 -2.61 22.43 7.60
N THR A 63 -3.25 22.86 6.52
CA THR A 63 -4.70 23.08 6.51
C THR A 63 -5.42 21.81 6.97
N ALA A 64 -5.06 20.69 6.37
CA ALA A 64 -5.64 19.40 6.70
C ALA A 64 -5.37 19.04 8.17
N ASN A 65 -4.11 19.16 8.56
CA ASN A 65 -3.72 18.90 9.92
C ASN A 65 -4.49 19.74 10.99
N ILE A 66 -4.73 21.00 10.66
CA ILE A 66 -5.43 21.90 11.54
C ILE A 66 -6.95 21.64 11.45
N ALA A 67 -7.46 21.49 10.22
CA ALA A 67 -8.89 21.27 9.95
C ALA A 67 -9.43 19.95 10.52
N LEU A 68 -8.63 18.90 10.43
CA LEU A 68 -9.02 17.60 10.94
C LEU A 68 -8.76 17.52 12.43
N GLU A 69 -7.82 18.31 12.93
CA GLU A 69 -7.65 18.32 14.37
C GLU A 69 -8.97 18.93 14.91
N LYS A 70 -9.50 19.95 14.25
CA LYS A 70 -10.75 20.58 14.68
C LYS A 70 -12.02 19.74 14.42
N ALA A 71 -11.94 18.75 13.51
CA ALA A 71 -13.07 17.88 13.17
C ALA A 71 -13.18 16.57 13.97
N ASP A 72 -12.09 16.23 14.68
CA ASP A 72 -11.93 15.04 15.57
C ASP A 72 -11.52 13.79 14.86
N ARG A 73 -11.32 13.98 13.55
CA ARG A 73 -10.89 12.95 12.62
C ARG A 73 -9.40 13.02 12.31
N LEU A 74 -8.62 13.35 13.33
CA LEU A 74 -7.18 13.45 13.20
C LEU A 74 -6.59 12.13 12.67
N TRP A 75 -7.20 10.99 13.03
CA TRP A 75 -6.76 9.60 12.73
C TRP A 75 -6.99 8.94 11.37
N ILE A 76 -7.76 9.60 10.50
CA ILE A 76 -8.08 9.01 9.22
C ILE A 76 -6.85 8.88 8.35
N PRO A 77 -6.81 7.85 7.46
CA PRO A 77 -5.63 7.69 6.60
C PRO A 77 -5.26 8.88 5.76
N VAL A 78 -3.97 9.02 5.48
CA VAL A 78 -3.45 10.14 4.72
C VAL A 78 -2.58 9.74 3.52
N ASN A 79 -3.00 10.22 2.34
CA ASN A 79 -2.30 9.95 1.11
C ASN A 79 -1.90 11.29 0.49
N ARG A 80 -0.70 11.33 -0.09
CA ARG A 80 -0.16 12.54 -0.74
C ARG A 80 0.49 12.35 -2.15
N SER A 81 0.31 13.37 -2.99
CA SER A 81 0.85 13.36 -4.32
C SER A 81 1.10 14.74 -4.86
N TRP A 82 2.17 14.78 -5.67
CA TRP A 82 2.65 15.98 -6.37
C TRP A 82 1.64 16.38 -7.43
N ARG A 83 0.79 15.46 -7.85
CA ARG A 83 -0.20 15.75 -8.89
C ARG A 83 -1.34 16.57 -8.35
N LEU A 84 -1.41 16.68 -7.03
CA LEU A 84 -2.44 17.46 -6.37
C LEU A 84 -1.91 18.87 -6.07
N ASN A 85 -0.64 19.07 -6.41
CA ASN A 85 0.09 20.29 -6.20
C ASN A 85 -0.54 21.47 -6.89
N GLU A 86 -0.02 22.66 -6.56
CA GLU A 86 -0.47 23.91 -7.15
C GLU A 86 0.22 24.00 -8.53
N ARG A 87 -0.34 24.83 -9.39
CA ARG A 87 0.18 25.05 -10.70
C ARG A 87 1.59 25.63 -10.56
N HIS A 88 2.53 25.15 -11.40
CA HIS A 88 3.89 25.66 -11.37
C HIS A 88 3.86 27.01 -12.10
N TYR A 89 4.56 27.99 -11.54
CA TYR A 89 4.57 29.32 -12.08
C TYR A 89 5.85 29.58 -12.81
N GLY A 90 6.56 28.51 -13.11
CA GLY A 90 7.80 28.65 -13.84
C GLY A 90 8.61 29.83 -13.40
N ASP A 91 9.04 30.64 -14.37
CA ASP A 91 9.86 31.79 -14.06
C ASP A 91 9.19 33.02 -13.42
N LEU A 92 8.07 32.80 -12.74
CA LEU A 92 7.36 33.87 -12.04
C LEU A 92 7.38 33.58 -10.57
N GLN A 93 7.92 32.41 -10.24
CA GLN A 93 8.01 31.94 -8.86
C GLN A 93 9.09 32.67 -8.13
N GLY A 94 8.72 33.29 -7.03
CA GLY A 94 9.69 34.00 -6.24
C GLY A 94 9.80 35.42 -6.71
N LYS A 95 9.04 35.74 -7.74
CA LYS A 95 9.05 37.08 -8.27
C LYS A 95 7.83 37.84 -7.80
N ASP A 96 8.01 39.16 -7.71
CA ASP A 96 6.97 40.06 -7.29
C ASP A 96 6.05 40.28 -8.48
N LYS A 97 4.77 40.19 -8.19
CA LYS A 97 3.67 40.37 -9.12
C LYS A 97 3.57 41.73 -9.84
N ALA A 98 3.94 42.81 -9.17
CA ALA A 98 3.89 44.13 -9.80
C ALA A 98 5.10 44.29 -10.72
N GLU A 99 6.27 43.84 -10.30
CA GLU A 99 7.49 43.93 -11.14
C GLU A 99 7.41 42.95 -12.34
N THR A 100 6.55 41.95 -12.20
CA THR A 100 6.33 40.98 -13.27
C THR A 100 5.58 41.76 -14.36
N LEU A 101 4.57 42.52 -13.94
CA LEU A 101 3.78 43.34 -14.84
C LEU A 101 4.64 44.33 -15.61
N LYS A 102 5.65 44.91 -14.95
CA LYS A 102 6.58 45.86 -15.60
C LYS A 102 7.51 45.21 -16.66
N LYS A 103 7.63 43.89 -16.64
CA LYS A 103 8.48 43.18 -17.58
C LYS A 103 7.68 42.67 -18.76
N PHE A 104 6.45 42.22 -18.51
CA PHE A 104 5.63 41.61 -19.57
C PHE A 104 4.55 42.49 -20.12
N GLY A 105 3.85 43.20 -19.22
CA GLY A 105 2.76 44.11 -19.58
C GLY A 105 1.38 43.51 -19.29
N GLU A 106 0.33 44.34 -19.29
CA GLU A 106 -1.06 43.90 -19.03
C GLU A 106 -1.43 42.60 -19.76
N GLU A 107 -1.39 42.64 -21.08
CA GLU A 107 -1.77 41.51 -21.92
C GLU A 107 -1.07 40.20 -21.56
N LYS A 108 0.25 40.18 -21.73
CA LYS A 108 1.11 39.03 -21.46
C LYS A 108 1.10 38.60 -20.00
N PHE A 109 0.70 39.50 -19.09
CA PHE A 109 0.61 39.18 -17.66
C PHE A 109 -0.75 38.54 -17.40
N ASN A 110 -1.81 39.07 -18.03
CA ASN A 110 -3.15 38.52 -17.89
C ASN A 110 -3.19 37.16 -18.53
N THR A 111 -2.33 36.98 -19.53
CA THR A 111 -2.32 35.70 -20.20
C THR A 111 -1.65 34.64 -19.33
N TYR A 112 -0.46 34.93 -18.81
CA TYR A 112 0.29 34.02 -17.90
C TYR A 112 -0.47 33.76 -16.58
N ARG A 113 -1.44 34.59 -16.27
CA ARG A 113 -2.20 34.39 -15.05
C ARG A 113 -3.55 33.75 -15.32
N ARG A 114 -4.19 34.14 -16.41
CA ARG A 114 -5.51 33.60 -16.70
C ARG A 114 -5.82 32.83 -17.99
N SER A 115 -4.83 32.60 -18.84
CA SER A 115 -5.13 31.80 -20.02
C SER A 115 -5.19 30.39 -19.50
N PHE A 116 -5.87 29.53 -20.23
CA PHE A 116 -6.03 28.13 -19.85
C PHE A 116 -4.85 27.23 -20.25
N ASP A 117 -4.21 27.60 -21.37
CA ASP A 117 -3.13 26.85 -21.98
C ASP A 117 -1.76 27.52 -22.21
N VAL A 118 -1.57 28.76 -21.79
CA VAL A 118 -0.27 29.39 -22.03
C VAL A 118 0.52 29.41 -20.75
N PRO A 119 1.58 28.61 -20.69
CA PRO A 119 2.27 28.65 -19.42
C PRO A 119 3.26 29.77 -19.31
N PRO A 120 3.53 30.18 -18.07
CA PRO A 120 4.49 31.25 -17.88
C PRO A 120 5.80 30.65 -18.43
N PRO A 121 6.83 31.47 -18.66
CA PRO A 121 8.08 30.87 -19.17
C PRO A 121 8.55 29.82 -18.17
N PRO A 122 9.49 28.94 -18.58
CA PRO A 122 9.97 27.92 -17.64
C PRO A 122 10.99 28.58 -16.75
N ILE A 123 11.48 27.83 -15.77
CA ILE A 123 12.45 28.34 -14.80
C ILE A 123 13.67 27.44 -14.89
N ASP A 124 14.86 28.02 -14.83
CA ASP A 124 16.04 27.17 -14.87
C ASP A 124 16.29 26.50 -13.51
N ALA A 125 16.51 25.18 -13.55
CA ALA A 125 16.76 24.35 -12.41
C ALA A 125 17.73 25.00 -11.43
N SER A 126 18.65 25.81 -11.97
CA SER A 126 19.66 26.50 -11.16
C SER A 126 19.09 27.51 -10.16
N SER A 127 17.99 28.16 -10.54
CA SER A 127 17.33 29.15 -9.70
C SER A 127 17.07 28.59 -8.30
N PRO A 128 16.97 29.46 -7.28
CA PRO A 128 16.71 28.99 -5.92
C PRO A 128 15.21 28.77 -5.74
N PHE A 129 14.46 28.97 -6.83
CA PHE A 129 13.01 28.82 -6.86
C PHE A 129 12.48 27.71 -7.77
N SER A 130 13.37 26.78 -8.13
CA SER A 130 13.02 25.60 -8.94
C SER A 130 13.14 24.40 -8.01
N GLN A 131 12.10 23.59 -7.98
CA GLN A 131 12.01 22.38 -7.17
C GLN A 131 12.68 21.16 -7.82
N LYS A 132 13.33 21.35 -8.97
CA LYS A 132 13.98 20.22 -9.63
C LYS A 132 14.97 19.65 -8.64
N GLY A 133 14.85 18.37 -8.36
CA GLY A 133 15.77 17.75 -7.43
C GLY A 133 15.33 17.83 -5.97
N ASP A 134 14.17 18.42 -5.67
CA ASP A 134 13.72 18.48 -4.29
C ASP A 134 13.47 17.06 -3.76
N GLU A 135 13.86 16.82 -2.51
CA GLU A 135 13.75 15.48 -1.91
C GLU A 135 12.37 14.83 -2.00
N ARG A 136 11.32 15.61 -1.77
CA ARG A 136 9.97 15.11 -1.77
C ARG A 136 9.48 14.66 -3.13
N TYR A 137 10.35 14.71 -4.14
CA TYR A 137 9.92 14.32 -5.47
C TYR A 137 10.91 13.37 -6.06
N LYS A 138 11.69 12.74 -5.19
CA LYS A 138 12.71 11.81 -5.66
C LYS A 138 12.20 10.47 -6.03
N TYR A 139 10.90 10.23 -5.93
CA TYR A 139 10.39 8.92 -6.33
C TYR A 139 9.35 9.01 -7.48
N VAL A 140 9.40 10.12 -8.19
CA VAL A 140 8.52 10.40 -9.35
C VAL A 140 9.48 10.52 -10.54
N ASP A 141 9.07 10.02 -11.71
CA ASP A 141 9.85 10.10 -12.96
C ASP A 141 10.28 11.54 -13.09
N PRO A 142 11.59 11.78 -13.04
CA PRO A 142 12.15 13.15 -13.13
C PRO A 142 11.70 13.97 -14.34
N ASN A 143 11.56 13.27 -15.46
CA ASN A 143 11.15 13.80 -16.76
C ASN A 143 9.79 14.46 -16.78
N VAL A 144 8.89 14.03 -15.88
CA VAL A 144 7.53 14.56 -15.85
C VAL A 144 7.37 15.84 -14.98
N LEU A 145 8.33 16.04 -14.08
CA LEU A 145 8.36 17.16 -13.15
C LEU A 145 8.51 18.47 -13.92
N PRO A 146 7.38 19.19 -14.06
CA PRO A 146 7.21 20.47 -14.76
C PRO A 146 8.17 21.54 -14.33
N GLU A 147 8.61 22.38 -15.28
CA GLU A 147 9.47 23.51 -14.97
C GLU A 147 8.71 24.83 -15.28
N THR A 148 7.39 24.64 -15.34
CA THR A 148 6.37 25.66 -15.56
C THR A 148 5.05 24.88 -15.78
N GLU A 149 3.92 25.53 -15.95
CA GLU A 149 2.65 24.84 -16.12
C GLU A 149 1.54 25.82 -16.47
N SER A 150 0.40 25.24 -16.86
CA SER A 150 -0.81 25.97 -17.23
C SER A 150 -1.94 25.18 -16.55
N LEU A 151 -3.14 25.73 -16.49
CA LEU A 151 -4.24 24.99 -15.86
C LEU A 151 -4.58 23.71 -16.66
N ALA A 152 -4.43 23.78 -17.99
CA ALA A 152 -4.67 22.64 -18.90
C ALA A 152 -3.83 21.44 -18.53
N LEU A 153 -2.55 21.75 -18.29
CA LEU A 153 -1.47 20.88 -17.92
C LEU A 153 -1.68 20.36 -16.48
N VAL A 154 -2.19 21.23 -15.61
CA VAL A 154 -2.45 20.82 -14.24
C VAL A 154 -3.46 19.67 -14.28
N ILE A 155 -4.54 19.87 -15.04
CA ILE A 155 -5.59 18.86 -15.19
C ILE A 155 -5.06 17.55 -15.78
N ASP A 156 -4.11 17.64 -16.71
CA ASP A 156 -3.54 16.48 -17.39
C ASP A 156 -2.71 15.60 -16.49
N ARG A 157 -1.96 16.22 -15.60
CA ARG A 157 -1.11 15.47 -14.67
C ARG A 157 -1.91 15.00 -13.46
N LEU A 158 -2.99 15.71 -13.17
CA LEU A 158 -3.88 15.41 -12.03
C LEU A 158 -4.86 14.27 -12.25
N LEU A 159 -5.59 14.35 -13.36
CA LEU A 159 -6.61 13.37 -13.72
C LEU A 159 -6.31 11.90 -13.40
N PRO A 160 -5.13 11.36 -13.82
CA PRO A 160 -4.69 9.97 -13.59
C PRO A 160 -4.67 9.50 -12.13
N TYR A 161 -4.44 10.43 -11.19
CA TYR A 161 -4.43 10.19 -9.75
C TYR A 161 -5.89 10.16 -9.27
N TRP A 162 -6.73 10.98 -9.89
CA TRP A 162 -8.18 11.02 -9.61
C TRP A 162 -8.81 9.71 -10.11
N GLN A 163 -8.54 9.41 -11.38
CA GLN A 163 -8.98 8.23 -12.11
C GLN A 163 -8.69 6.94 -11.37
N ASP A 164 -7.42 6.75 -11.00
CA ASP A 164 -6.94 5.53 -10.32
C ASP A 164 -6.92 5.52 -8.81
N VAL A 165 -6.37 6.57 -8.23
CA VAL A 165 -6.24 6.61 -6.78
C VAL A 165 -7.38 7.24 -5.96
N ILE A 166 -7.81 8.46 -6.30
CA ILE A 166 -8.88 9.07 -5.52
C ILE A 166 -10.16 8.27 -5.68
N ALA A 167 -10.54 8.01 -6.95
CA ALA A 167 -11.74 7.24 -7.30
C ALA A 167 -11.88 5.82 -6.65
N LYS A 168 -10.76 5.10 -6.44
CA LYS A 168 -10.80 3.76 -5.82
C LYS A 168 -11.55 3.86 -4.51
N ASP A 169 -11.16 4.84 -3.65
CA ASP A 169 -11.81 5.10 -2.35
C ASP A 169 -13.22 5.61 -2.50
N LEU A 170 -13.43 6.56 -3.39
CA LEU A 170 -14.78 7.10 -3.64
C LEU A 170 -15.68 5.90 -4.07
N LEU A 171 -15.22 5.12 -5.06
CA LEU A 171 -15.98 3.96 -5.48
C LEU A 171 -16.04 2.88 -4.37
N SER A 172 -15.01 2.76 -3.53
CA SER A 172 -15.06 1.78 -2.42
C SER A 172 -16.18 2.14 -1.43
N GLY A 173 -16.63 3.39 -1.44
CA GLY A 173 -17.72 3.79 -0.57
C GLY A 173 -17.45 4.91 0.41
N LYS A 174 -16.18 5.25 0.55
CA LYS A 174 -15.69 6.30 1.45
C LYS A 174 -15.96 7.79 1.09
N THR A 175 -15.87 8.65 2.11
CA THR A 175 -16.06 10.10 1.94
C THR A 175 -14.61 10.58 1.90
N VAL A 176 -14.25 11.24 0.80
CA VAL A 176 -12.88 11.67 0.60
C VAL A 176 -12.70 13.18 0.75
N MET A 177 -11.65 13.56 1.46
CA MET A 177 -11.39 14.96 1.66
C MET A 177 -10.10 15.24 0.94
N ILE A 178 -10.11 16.21 0.01
CA ILE A 178 -8.88 16.58 -0.68
C ILE A 178 -8.55 17.94 -0.13
N ALA A 179 -7.27 18.23 0.00
CA ALA A 179 -6.81 19.52 0.46
C ALA A 179 -5.64 19.92 -0.45
N ALA A 180 -5.95 20.62 -1.53
CA ALA A 180 -4.91 21.00 -2.46
C ALA A 180 -4.66 22.51 -2.60
N HIS A 181 -5.01 23.08 -3.75
CA HIS A 181 -4.75 24.48 -4.06
C HIS A 181 -5.80 25.08 -5.02
N GLY A 182 -5.63 26.34 -5.43
CA GLY A 182 -6.60 26.95 -6.33
C GLY A 182 -6.67 26.28 -7.69
N ASN A 183 -5.52 26.16 -8.35
CA ASN A 183 -5.45 25.56 -9.67
C ASN A 183 -5.90 24.09 -9.69
N SER A 184 -5.17 23.20 -9.01
CA SER A 184 -5.55 21.79 -8.93
C SER A 184 -7.03 21.57 -8.53
N LEU A 185 -7.59 22.34 -7.60
CA LEU A 185 -9.01 22.13 -7.26
C LEU A 185 -9.98 22.71 -8.29
N ARG A 186 -9.58 23.81 -8.92
CA ARG A 186 -10.42 24.39 -9.96
C ARG A 186 -10.27 23.48 -11.15
N GLY A 187 -9.07 22.96 -11.36
CA GLY A 187 -8.86 22.04 -12.45
C GLY A 187 -9.71 20.77 -12.24
N LEU A 188 -9.88 20.34 -11.00
CA LEU A 188 -10.68 19.16 -10.72
C LEU A 188 -12.15 19.48 -10.93
N VAL A 189 -12.59 20.62 -10.38
CA VAL A 189 -13.98 21.11 -10.48
C VAL A 189 -14.44 21.31 -11.94
N LYS A 190 -13.53 21.79 -12.79
CA LYS A 190 -13.79 21.96 -14.21
C LYS A 190 -14.22 20.61 -14.80
N HIS A 191 -13.46 19.54 -14.44
CA HIS A 191 -13.72 18.16 -14.87
C HIS A 191 -15.01 17.61 -14.28
N LEU A 192 -15.18 17.77 -12.98
CA LEU A 192 -16.39 17.28 -12.34
C LEU A 192 -17.69 17.87 -12.91
N GLU A 193 -17.72 19.18 -13.21
CA GLU A 193 -18.95 19.81 -13.72
C GLU A 193 -19.04 20.25 -15.19
N GLY A 194 -17.99 20.01 -15.98
CA GLY A 194 -18.01 20.35 -17.40
C GLY A 194 -17.79 21.82 -17.81
N ILE A 195 -17.13 22.55 -16.92
CA ILE A 195 -16.84 23.95 -17.15
C ILE A 195 -15.90 24.04 -18.36
N SER A 196 -16.28 24.88 -19.31
CA SER A 196 -15.58 25.09 -20.58
C SER A 196 -14.21 25.80 -20.59
N ASP A 197 -13.32 25.34 -21.48
CA ASP A 197 -11.96 25.89 -21.70
C ASP A 197 -11.89 27.42 -21.41
N ALA A 198 -12.85 28.17 -21.97
CA ALA A 198 -12.88 29.62 -21.81
C ALA A 198 -13.79 30.21 -20.71
N ASP A 199 -14.46 29.34 -19.94
CA ASP A 199 -15.36 29.78 -18.86
C ASP A 199 -14.81 29.60 -17.43
N ILE A 200 -13.79 28.75 -17.26
CA ILE A 200 -13.22 28.41 -15.93
C ILE A 200 -12.51 29.48 -15.11
N ALA A 201 -12.10 30.57 -15.75
CA ALA A 201 -11.43 31.66 -15.03
C ALA A 201 -12.37 32.25 -13.98
N LYS A 202 -13.62 32.37 -14.38
CA LYS A 202 -14.69 32.94 -13.59
C LYS A 202 -15.00 32.19 -12.28
N LEU A 203 -14.65 30.91 -12.23
CA LEU A 203 -14.88 30.08 -11.04
C LEU A 203 -13.91 30.41 -9.90
N ASN A 204 -14.47 30.81 -8.77
CA ASN A 204 -13.67 31.13 -7.61
C ASN A 204 -13.88 30.02 -6.61
N ILE A 205 -12.81 29.57 -5.98
CA ILE A 205 -12.99 28.59 -4.94
C ILE A 205 -12.58 29.41 -3.73
N PRO A 206 -13.52 29.69 -2.82
CA PRO A 206 -13.18 30.47 -1.63
C PRO A 206 -12.12 29.64 -0.91
N THR A 207 -11.30 30.30 -0.11
CA THR A 207 -10.26 29.66 0.67
C THR A 207 -10.86 29.42 2.06
N GLY A 208 -10.47 28.33 2.69
CA GLY A 208 -10.98 28.05 4.02
C GLY A 208 -12.40 27.54 4.12
N ILE A 209 -13.11 27.55 3.01
CA ILE A 209 -14.45 26.98 3.00
C ILE A 209 -14.39 25.64 2.23
N PRO A 210 -14.95 24.59 2.85
CA PRO A 210 -15.00 23.25 2.32
C PRO A 210 -16.11 23.24 1.30
N LEU A 211 -15.85 22.57 0.17
CA LEU A 211 -16.79 22.45 -0.93
C LEU A 211 -17.10 20.95 -1.02
N VAL A 212 -18.38 20.60 -0.86
CA VAL A 212 -18.79 19.22 -0.93
C VAL A 212 -19.47 18.87 -2.27
N PHE A 213 -19.18 17.65 -2.75
CA PHE A 213 -19.75 17.12 -3.98
C PHE A 213 -20.49 15.83 -3.67
N GLU A 214 -21.55 15.58 -4.39
CA GLU A 214 -22.26 14.35 -4.16
C GLU A 214 -22.30 13.73 -5.52
N LEU A 215 -21.51 12.67 -5.62
CA LEU A 215 -21.27 11.96 -6.86
C LEU A 215 -22.09 10.71 -6.96
N ASP A 216 -22.44 10.32 -8.19
CA ASP A 216 -23.20 9.09 -8.45
C ASP A 216 -22.22 7.96 -8.75
N GLU A 217 -22.76 6.82 -9.19
CA GLU A 217 -21.94 5.65 -9.53
C GLU A 217 -20.86 5.98 -10.61
N ASN A 218 -21.09 7.05 -11.39
CA ASN A 218 -20.16 7.54 -12.46
C ASN A 218 -19.22 8.69 -11.99
N LEU A 219 -19.20 9.01 -10.70
CA LEU A 219 -18.38 10.11 -10.18
C LEU A 219 -18.68 11.45 -10.91
N LYS A 220 -19.96 11.61 -11.22
CA LYS A 220 -20.51 12.77 -11.85
C LYS A 220 -21.49 13.22 -10.75
N PRO A 221 -21.71 14.54 -10.63
CA PRO A 221 -22.60 15.15 -9.65
C PRO A 221 -24.04 14.59 -9.67
N SER A 222 -24.56 14.36 -8.47
CA SER A 222 -25.91 13.83 -8.29
C SER A 222 -26.87 15.00 -8.04
N LYS A 223 -26.31 16.04 -7.42
CA LYS A 223 -26.99 17.29 -7.11
C LYS A 223 -25.98 18.44 -7.19
N PRO A 224 -26.43 19.69 -7.24
CA PRO A 224 -25.42 20.75 -7.32
C PRO A 224 -24.54 20.83 -6.05
N SER A 225 -23.25 21.04 -6.23
CA SER A 225 -22.31 21.11 -5.11
C SER A 225 -22.78 22.14 -4.11
N TYR A 226 -22.15 22.14 -2.93
CA TYR A 226 -22.53 23.07 -1.87
C TYR A 226 -21.47 23.32 -0.84
N TYR A 227 -21.36 24.59 -0.43
CA TYR A 227 -20.40 24.97 0.60
C TYR A 227 -21.07 24.87 1.96
N LEU A 228 -20.31 24.38 2.93
CA LEU A 228 -20.79 24.25 4.28
C LEU A 228 -20.97 25.65 4.93
N ASP A 229 -20.88 26.70 4.11
CA ASP A 229 -21.06 28.09 4.51
C ASP A 229 -21.38 28.85 3.18
N PRO A 230 -22.65 28.81 2.75
CA PRO A 230 -23.11 29.46 1.51
C PRO A 230 -23.10 30.99 1.59
N GLU A 231 -22.66 31.53 2.73
CA GLU A 231 -22.61 32.98 2.96
C GLU A 231 -21.21 33.57 2.71
N ALA A 232 -20.20 32.94 3.31
CA ALA A 232 -18.81 33.35 3.20
C ALA A 232 -18.20 33.02 1.84
N ALA A 233 -18.94 32.25 1.04
CA ALA A 233 -18.53 31.83 -0.30
C ALA A 233 -18.77 32.91 -1.37
N ALA A 234 -19.87 33.64 -1.26
CA ALA A 234 -20.13 34.70 -2.23
C ALA A 234 -20.66 35.98 -1.54
N PRO B 1 20.68 2.12 9.71
CA PRO B 1 19.37 2.73 10.02
C PRO B 1 19.37 3.60 11.28
N LYS B 2 18.38 4.51 11.34
CA LYS B 2 18.23 5.43 12.44
C LYS B 2 16.76 5.64 12.78
N LEU B 3 16.44 5.53 14.07
CA LEU B 3 15.09 5.70 14.58
C LEU B 3 14.95 6.82 15.63
N VAL B 4 13.96 7.69 15.44
CA VAL B 4 13.64 8.79 16.34
C VAL B 4 12.34 8.45 17.06
N LEU B 5 12.32 8.61 18.38
CA LEU B 5 11.12 8.32 19.14
C LEU B 5 10.69 9.58 19.87
N VAL B 6 9.40 9.90 19.79
CA VAL B 6 8.89 11.09 20.44
C VAL B 6 7.69 10.86 21.37
N ARG B 7 7.91 11.04 22.68
CA ARG B 7 6.82 10.92 23.63
C ARG B 7 6.10 12.27 23.67
N HIS B 8 4.78 12.26 23.58
CA HIS B 8 3.99 13.50 23.54
C HIS B 8 3.80 14.22 24.86
N GLY B 9 3.57 15.53 24.81
CA GLY B 9 3.35 16.31 26.01
C GLY B 9 2.00 16.03 26.67
N GLN B 10 1.71 16.74 27.76
CA GLN B 10 0.48 16.47 28.48
C GLN B 10 -0.80 16.70 27.72
N SER B 11 -1.77 15.86 28.03
CA SER B 11 -3.08 15.98 27.44
C SER B 11 -3.98 16.79 28.38
N GLU B 12 -5.20 17.05 27.94
CA GLU B 12 -6.20 17.80 28.69
C GLU B 12 -6.71 17.03 29.90
N TRP B 13 -6.22 15.80 30.05
CA TRP B 13 -6.59 14.91 31.14
C TRP B 13 -5.41 14.68 32.09
N ASN B 14 -4.19 14.56 31.55
CA ASN B 14 -3.00 14.40 32.39
C ASN B 14 -2.88 15.67 33.23
N GLU B 15 -3.64 16.69 32.82
CA GLU B 15 -3.74 18.02 33.41
C GLU B 15 -4.77 18.02 34.58
N LYS B 16 -6.01 17.59 34.34
CA LYS B 16 -7.04 17.50 35.38
C LYS B 16 -6.75 16.24 36.28
N ASN B 17 -5.61 15.58 36.05
CA ASN B 17 -5.19 14.41 36.82
C ASN B 17 -6.03 13.14 36.55
N LEU B 18 -6.25 12.81 35.27
CA LEU B 18 -7.04 11.60 34.90
C LEU B 18 -6.27 10.51 34.14
N PHE B 19 -6.68 9.25 34.31
CA PHE B 19 -6.06 8.14 33.55
C PHE B 19 -6.66 8.20 32.13
N THR B 20 -5.82 8.14 31.12
CA THR B 20 -6.36 8.22 29.75
C THR B 20 -6.43 6.91 29.02
N GLY B 21 -5.32 6.20 28.98
CA GLY B 21 -5.28 4.96 28.26
C GLY B 21 -5.70 5.21 26.82
N TRP B 22 -6.80 4.59 26.40
CA TRP B 22 -7.28 4.72 25.02
C TRP B 22 -8.26 5.81 24.74
N VAL B 23 -8.59 6.63 25.73
CA VAL B 23 -9.53 7.71 25.50
C VAL B 23 -8.85 8.72 24.58
N ASP B 24 -9.49 9.02 23.46
CA ASP B 24 -8.87 9.90 22.49
C ASP B 24 -8.86 11.35 22.99
N VAL B 25 -8.18 11.56 24.08
CA VAL B 25 -8.08 12.85 24.70
C VAL B 25 -7.16 13.76 23.91
N LYS B 26 -7.54 15.06 23.84
CA LYS B 26 -6.85 16.12 23.08
C LYS B 26 -5.61 16.58 23.85
N LEU B 27 -4.54 16.89 23.11
CA LEU B 27 -3.26 17.37 23.67
C LEU B 27 -3.52 18.73 24.32
N SER B 28 -2.83 19.05 25.43
CA SER B 28 -3.04 20.33 26.13
C SER B 28 -2.12 21.40 25.60
N ALA B 29 -2.45 22.66 25.94
CA ALA B 29 -1.68 23.85 25.57
C ALA B 29 -0.21 23.73 25.94
N LYS B 30 0.05 23.17 27.12
CA LYS B 30 1.43 22.97 27.59
C LYS B 30 2.14 21.94 26.72
N GLY B 31 1.39 20.94 26.24
CA GLY B 31 1.93 19.88 25.38
C GLY B 31 2.07 20.18 23.87
N GLN B 32 1.22 21.04 23.32
CA GLN B 32 1.36 21.43 21.92
C GLN B 32 2.68 22.19 21.74
N GLN B 33 3.11 22.86 22.80
CA GLN B 33 4.34 23.65 22.87
C GLN B 33 5.52 22.70 22.94
N GLU B 34 5.35 21.63 23.69
CA GLU B 34 6.39 20.62 23.78
C GLU B 34 6.51 19.93 22.43
N ALA B 35 5.44 19.96 21.62
CA ALA B 35 5.43 19.39 20.28
C ALA B 35 6.31 20.27 19.40
N ALA B 36 6.12 21.58 19.53
CA ALA B 36 6.90 22.57 18.80
C ALA B 36 8.37 22.45 19.20
N ARG B 37 8.64 22.33 20.51
CA ARG B 37 10.00 22.17 21.03
C ARG B 37 10.60 20.93 20.36
N ALA B 38 9.80 19.87 20.26
CA ALA B 38 10.24 18.64 19.60
C ALA B 38 10.69 18.95 18.19
N GLY B 39 9.87 19.72 17.47
CA GLY B 39 10.19 20.09 16.11
C GLY B 39 11.55 20.74 15.89
N GLU B 40 11.82 21.83 16.62
CA GLU B 40 13.08 22.55 16.47
C GLU B 40 14.31 21.68 16.81
N LEU B 41 14.11 20.63 17.59
CA LEU B 41 15.22 19.74 17.99
C LEU B 41 15.60 18.73 16.91
N LEU B 42 14.69 18.48 15.96
CA LEU B 42 14.98 17.54 14.88
C LEU B 42 15.77 18.30 13.84
N LYS B 43 15.40 19.56 13.73
CA LYS B 43 15.99 20.49 12.77
C LYS B 43 17.38 20.89 13.21
N GLU B 44 17.50 21.19 14.50
CA GLU B 44 18.72 21.64 15.17
C GLU B 44 19.86 20.64 15.08
N LYS B 45 19.59 19.41 15.49
CA LYS B 45 20.58 18.36 15.46
C LYS B 45 20.58 17.52 14.16
N LYS B 46 20.04 18.09 13.09
CA LYS B 46 19.98 17.50 11.76
C LYS B 46 19.63 15.99 11.62
N VAL B 47 18.51 15.63 12.27
CA VAL B 47 17.95 14.27 12.26
C VAL B 47 16.81 14.44 11.26
N TYR B 48 16.90 13.69 10.15
CA TYR B 48 15.96 13.76 9.03
C TYR B 48 15.00 12.62 8.67
N PRO B 49 13.82 12.61 9.33
CA PRO B 49 12.78 11.58 9.13
C PRO B 49 12.25 11.47 7.71
N ASP B 50 12.36 10.31 7.08
CA ASP B 50 11.84 10.15 5.70
C ASP B 50 10.43 9.59 5.66
N VAL B 51 9.99 9.06 6.80
CA VAL B 51 8.66 8.48 6.96
C VAL B 51 8.27 8.53 8.44
N LEU B 52 6.99 8.78 8.69
CA LEU B 52 6.40 8.89 10.01
C LEU B 52 5.41 7.78 10.38
N TYR B 53 5.45 7.37 11.65
CA TYR B 53 4.54 6.39 12.19
C TYR B 53 3.96 6.98 13.48
N THR B 54 2.65 6.88 13.62
CA THR B 54 1.94 7.34 14.79
C THR B 54 0.93 6.24 15.14
N SER B 55 0.05 6.48 16.11
CA SER B 55 -0.98 5.50 16.50
C SER B 55 -2.35 6.10 16.19
N LYS B 56 -3.45 5.57 16.72
CA LYS B 56 -4.73 6.21 16.38
C LYS B 56 -5.24 7.22 17.44
N LEU B 57 -4.38 7.53 18.39
CA LEU B 57 -4.79 8.47 19.41
C LEU B 57 -4.39 9.86 19.00
N SER B 58 -5.37 10.73 18.95
CA SER B 58 -5.16 12.13 18.55
C SER B 58 -4.07 12.90 19.26
N ARG B 59 -3.66 12.47 20.45
CA ARG B 59 -2.63 13.25 21.12
C ARG B 59 -1.29 13.02 20.46
N ALA B 60 -1.08 11.83 19.93
CA ALA B 60 0.16 11.52 19.23
C ALA B 60 0.13 12.08 17.78
N ILE B 61 -1.00 12.02 17.12
CA ILE B 61 -1.05 12.54 15.76
C ILE B 61 -0.63 14.03 15.72
N GLN B 62 -1.34 14.82 16.53
CA GLN B 62 -1.19 16.24 16.74
C GLN B 62 0.27 16.65 16.99
N THR B 63 0.95 15.90 17.85
CA THR B 63 2.37 16.08 18.23
C THR B 63 3.38 16.05 17.05
N ALA B 64 3.15 15.13 16.12
CA ALA B 64 3.99 14.96 14.93
C ALA B 64 3.60 16.04 13.92
N ASN B 65 2.31 16.29 13.79
CA ASN B 65 1.87 17.33 12.87
C ASN B 65 2.49 18.64 13.31
N ILE B 66 2.26 19.04 14.56
CA ILE B 66 2.88 20.27 15.04
C ILE B 66 4.39 20.20 14.97
N ALA B 67 4.99 19.02 15.04
CA ALA B 67 6.46 18.88 15.05
C ALA B 67 7.13 18.86 13.67
N LEU B 68 6.55 18.17 12.69
CA LEU B 68 7.18 18.19 11.37
C LEU B 68 7.02 19.57 10.72
N GLU B 69 6.04 20.37 11.15
CA GLU B 69 5.86 21.74 10.60
C GLU B 69 7.10 22.54 10.95
N LYS B 70 7.57 22.40 12.21
CA LYS B 70 8.78 23.08 12.72
C LYS B 70 10.09 22.52 12.15
N ALA B 71 10.05 21.26 11.70
CA ALA B 71 11.23 20.59 11.15
C ALA B 71 11.33 20.83 9.64
N ASP B 72 10.29 21.49 9.11
CA ASP B 72 10.07 21.86 7.69
C ASP B 72 9.81 20.65 6.81
N ARG B 73 9.63 19.50 7.48
CA ARG B 73 9.38 18.22 6.82
C ARG B 73 7.95 17.69 6.83
N LEU B 74 6.98 18.57 6.62
CA LEU B 74 5.57 18.17 6.62
C LEU B 74 5.23 17.03 5.66
N TRP B 75 5.68 17.17 4.41
CA TRP B 75 5.45 16.26 3.29
C TRP B 75 5.60 14.69 3.31
N ILE B 76 6.31 14.15 4.29
CA ILE B 76 6.60 12.70 4.38
C ILE B 76 5.45 11.71 4.58
N PRO B 77 5.63 10.47 4.10
CA PRO B 77 4.63 9.40 4.21
C PRO B 77 4.24 9.22 5.67
N VAL B 78 2.96 8.94 5.92
CA VAL B 78 2.49 8.74 7.27
C VAL B 78 1.57 7.54 7.45
N ASN B 79 1.98 6.68 8.41
CA ASN B 79 1.30 5.47 8.78
C ASN B 79 0.82 5.47 10.22
N ARG B 80 -0.47 5.20 10.42
CA ARG B 80 -1.09 5.16 11.74
C ARG B 80 -1.54 3.76 12.09
N SER B 81 -1.34 3.34 13.33
CA SER B 81 -1.73 2.00 13.75
C SER B 81 -2.07 1.85 15.24
N TRP B 82 -3.23 1.25 15.51
CA TRP B 82 -3.68 0.95 16.87
C TRP B 82 -2.56 0.29 17.72
N ARG B 83 -1.67 -0.49 17.10
CA ARG B 83 -0.60 -1.18 17.83
C ARG B 83 0.46 -0.25 18.44
N LEU B 84 0.56 0.97 17.94
CA LEU B 84 1.50 1.90 18.50
C LEU B 84 0.79 2.74 19.64
N ASN B 85 -0.50 2.47 19.84
CA ASN B 85 -1.30 3.09 20.89
C ASN B 85 -0.66 3.01 22.31
N GLU B 86 -1.25 3.76 23.24
CA GLU B 86 -0.79 3.76 24.61
C GLU B 86 -1.50 2.57 25.22
N ARG B 87 -0.99 2.13 26.36
CA ARG B 87 -1.58 1.02 27.08
C ARG B 87 -3.01 1.33 27.47
N HIS B 88 -3.92 0.37 27.24
CA HIS B 88 -5.32 0.55 27.58
C HIS B 88 -5.49 0.50 29.11
N TYR B 89 -5.99 1.57 29.71
CA TYR B 89 -6.11 1.60 31.16
C TYR B 89 -7.26 0.86 31.86
N GLY B 90 -8.08 0.16 31.07
CA GLY B 90 -9.17 -0.59 31.64
C GLY B 90 -10.19 0.20 32.37
N ASP B 91 -10.44 -0.17 33.64
CA ASP B 91 -11.42 0.52 34.47
C ASP B 91 -10.95 1.87 35.02
N LEU B 92 -9.63 2.10 34.99
CA LEU B 92 -9.03 3.33 35.41
C LEU B 92 -9.23 4.44 34.35
N GLN B 93 -9.67 4.07 33.15
CA GLN B 93 -9.88 5.02 32.09
C GLN B 93 -10.97 5.99 32.49
N GLY B 94 -10.57 7.26 32.59
CA GLY B 94 -11.48 8.33 32.96
C GLY B 94 -11.70 8.57 34.44
N LYS B 95 -10.76 8.12 35.26
CA LYS B 95 -10.89 8.23 36.70
C LYS B 95 -9.72 8.99 37.33
N ASP B 96 -10.05 9.88 38.27
CA ASP B 96 -9.02 10.68 38.92
C ASP B 96 -8.09 9.69 39.55
N LYS B 97 -6.79 9.86 39.30
CA LYS B 97 -5.74 8.99 39.85
C LYS B 97 -5.66 8.97 41.38
N ALA B 98 -5.94 10.11 42.02
CA ALA B 98 -5.88 10.18 43.47
C ALA B 98 -7.08 9.42 44.08
N GLU B 99 -8.27 9.56 43.50
CA GLU B 99 -9.43 8.82 43.98
C GLU B 99 -9.10 7.31 43.78
N THR B 100 -8.42 7.01 42.67
CA THR B 100 -8.02 5.64 42.34
C THR B 100 -6.98 5.10 43.33
N LEU B 101 -6.17 5.97 43.92
CA LEU B 101 -5.18 5.52 44.89
C LEU B 101 -5.85 5.07 46.19
N LYS B 102 -6.92 5.75 46.56
CA LYS B 102 -7.66 5.45 47.79
C LYS B 102 -8.76 4.41 47.55
N LYS B 103 -9.14 4.22 46.30
CA LYS B 103 -10.14 3.22 45.93
C LYS B 103 -9.48 1.82 45.88
N PHE B 104 -8.13 1.77 45.90
CA PHE B 104 -7.39 0.51 45.82
C PHE B 104 -6.32 0.21 46.89
N GLY B 105 -5.51 1.22 47.20
CA GLY B 105 -4.43 1.09 48.17
C GLY B 105 -3.10 1.13 47.43
N GLU B 106 -2.01 1.55 48.09
CA GLU B 106 -0.72 1.66 47.40
C GLU B 106 -0.17 0.44 46.65
N GLU B 107 -0.36 -0.75 47.20
CA GLU B 107 0.14 -1.94 46.52
C GLU B 107 -0.61 -2.23 45.24
N LYS B 108 -1.93 -2.13 45.29
CA LYS B 108 -2.78 -2.38 44.12
C LYS B 108 -2.82 -1.21 43.12
N PHE B 109 -2.19 -0.12 43.52
CA PHE B 109 -2.10 1.08 42.72
C PHE B 109 -0.75 1.00 42.04
N ASN B 110 0.26 0.51 42.76
CA ASN B 110 1.59 0.35 42.22
C ASN B 110 1.54 -0.77 41.14
N THR B 111 0.78 -1.82 41.41
CA THR B 111 0.61 -2.94 40.50
C THR B 111 0.00 -2.40 39.24
N TYR B 112 -1.27 -2.01 39.33
CA TYR B 112 -1.97 -1.44 38.18
C TYR B 112 -1.20 -0.36 37.44
N ARG B 113 -0.32 0.37 38.13
CA ARG B 113 0.42 1.39 37.44
C ARG B 113 1.77 0.97 36.90
N ARG B 114 2.57 0.29 37.73
CA ARG B 114 3.91 -0.08 37.28
C ARG B 114 4.30 -1.56 37.10
N SER B 115 3.36 -2.47 37.20
CA SER B 115 3.79 -3.87 37.02
C SER B 115 3.97 -4.18 35.56
N PHE B 116 4.59 -5.31 35.31
CA PHE B 116 4.81 -5.70 33.95
C PHE B 116 3.67 -6.53 33.37
N ASP B 117 3.14 -7.47 34.16
CA ASP B 117 2.08 -8.35 33.66
C ASP B 117 0.73 -8.47 34.36
N VAL B 118 0.37 -7.51 35.20
CA VAL B 118 -0.93 -7.57 35.89
C VAL B 118 -1.74 -6.41 35.38
N PRO B 119 -2.65 -6.67 34.43
CA PRO B 119 -3.47 -5.59 33.88
C PRO B 119 -4.58 -5.16 34.83
N PRO B 120 -5.01 -3.89 34.72
CA PRO B 120 -6.08 -3.26 35.51
C PRO B 120 -7.35 -4.01 35.15
N PRO B 121 -8.42 -3.86 35.94
CA PRO B 121 -9.66 -4.58 35.58
C PRO B 121 -10.17 -4.06 34.20
N PRO B 122 -11.09 -4.78 33.54
CA PRO B 122 -11.59 -4.31 32.24
C PRO B 122 -12.71 -3.27 32.31
N ILE B 123 -12.76 -2.38 31.34
CA ILE B 123 -13.82 -1.38 31.33
C ILE B 123 -15.05 -1.96 30.63
N ASP B 124 -16.21 -1.88 31.27
CA ASP B 124 -17.44 -2.41 30.65
C ASP B 124 -17.67 -1.74 29.29
N ALA B 125 -18.34 -2.46 28.39
CA ALA B 125 -18.62 -1.97 27.03
C ALA B 125 -19.56 -0.79 27.02
N SER B 126 -20.42 -0.76 28.03
CA SER B 126 -21.40 0.32 28.19
C SER B 126 -20.76 1.61 28.71
N SER B 127 -19.78 1.47 29.62
CA SER B 127 -19.06 2.61 30.20
C SER B 127 -18.70 3.64 29.11
N PRO B 128 -18.90 4.95 29.42
CA PRO B 128 -18.58 6.00 28.45
C PRO B 128 -17.11 6.13 28.03
N PHE B 129 -16.22 5.45 28.75
CA PHE B 129 -14.79 5.51 28.42
C PHE B 129 -14.21 4.23 27.78
N SER B 130 -15.10 3.52 27.08
CA SER B 130 -14.76 2.33 26.31
C SER B 130 -14.67 2.72 24.83
N GLN B 131 -13.72 2.11 24.14
CA GLN B 131 -13.50 2.34 22.72
C GLN B 131 -14.05 1.19 21.85
N LYS B 132 -14.88 0.33 22.45
CA LYS B 132 -15.45 -0.80 21.72
C LYS B 132 -16.45 -0.40 20.66
N GLY B 133 -16.14 -0.71 19.42
CA GLY B 133 -17.06 -0.35 18.38
C GLY B 133 -16.74 1.01 17.83
N ASP B 134 -15.69 1.67 18.34
CA ASP B 134 -15.28 3.00 17.82
C ASP B 134 -14.73 2.84 16.39
N GLU B 135 -15.23 3.68 15.47
CA GLU B 135 -14.88 3.68 14.06
C GLU B 135 -13.41 3.53 13.65
N ARG B 136 -12.49 4.15 14.36
CA ARG B 136 -11.07 4.06 13.99
C ARG B 136 -10.45 2.69 14.16
N TYR B 137 -11.22 1.80 14.78
CA TYR B 137 -10.76 0.43 14.99
C TYR B 137 -11.67 -0.57 14.22
N LYS B 138 -12.48 -0.04 13.29
CA LYS B 138 -13.43 -0.84 12.56
C LYS B 138 -12.91 -1.87 11.54
N TYR B 139 -11.64 -1.75 11.16
CA TYR B 139 -11.06 -2.68 10.20
C TYR B 139 -10.02 -3.60 10.87
N VAL B 140 -10.20 -3.79 12.17
CA VAL B 140 -9.32 -4.60 12.96
C VAL B 140 -10.22 -5.67 13.57
N ASP B 141 -9.65 -6.86 13.72
CA ASP B 141 -10.38 -7.97 14.24
C ASP B 141 -10.95 -7.56 15.60
N PRO B 142 -12.29 -7.49 15.70
CA PRO B 142 -13.06 -7.11 16.90
C PRO B 142 -12.59 -7.78 18.20
N ASN B 143 -12.09 -9.00 18.05
CA ASN B 143 -11.62 -9.77 19.17
C ASN B 143 -10.23 -9.45 19.62
N VAL B 144 -9.42 -8.78 18.81
CA VAL B 144 -8.06 -8.54 19.32
C VAL B 144 -7.96 -7.29 20.23
N LEU B 145 -8.83 -6.32 19.95
CA LEU B 145 -8.93 -5.02 20.61
C LEU B 145 -9.12 -5.20 22.16
N PRO B 146 -8.14 -4.73 23.00
CA PRO B 146 -8.21 -4.88 24.48
C PRO B 146 -9.27 -4.13 25.24
N GLU B 147 -9.58 -4.63 26.43
CA GLU B 147 -10.55 -3.96 27.30
C GLU B 147 -9.79 -3.51 28.54
N THR B 148 -8.47 -3.80 28.56
CA THR B 148 -7.51 -3.44 29.64
C THR B 148 -6.14 -4.02 29.25
N GLU B 149 -5.02 -3.43 29.66
CA GLU B 149 -3.72 -4.02 29.26
C GLU B 149 -2.58 -3.82 30.24
N SER B 150 -1.53 -4.60 30.03
CA SER B 150 -0.33 -4.52 30.82
C SER B 150 0.77 -4.10 29.86
N LEU B 151 1.94 -3.71 30.37
CA LEU B 151 3.06 -3.33 29.53
C LEU B 151 3.44 -4.53 28.63
N ALA B 152 3.35 -5.71 29.22
CA ALA B 152 3.66 -6.96 28.56
C ALA B 152 2.76 -7.18 27.35
N LEU B 153 1.47 -6.96 27.57
CA LEU B 153 0.41 -7.12 26.58
C LEU B 153 0.56 -6.15 25.41
N VAL B 154 1.08 -4.97 25.77
CA VAL B 154 1.35 -3.86 24.87
C VAL B 154 2.56 -4.18 24.02
N ILE B 155 3.49 -4.94 24.52
CA ILE B 155 4.69 -5.26 23.74
C ILE B 155 4.34 -6.34 22.75
N ASP B 156 3.48 -7.23 23.21
CA ASP B 156 3.03 -8.36 22.43
C ASP B 156 2.42 -7.99 21.11
N ARG B 157 1.59 -6.95 21.13
CA ARG B 157 0.88 -6.41 19.97
C ARG B 157 1.73 -5.36 19.30
N LEU B 158 2.55 -4.64 20.05
CA LEU B 158 3.38 -3.64 19.38
C LEU B 158 4.33 -4.31 18.43
N LEU B 159 5.03 -5.33 18.93
CA LEU B 159 6.03 -6.06 18.16
C LEU B 159 5.67 -6.52 16.74
N PRO B 160 4.49 -7.11 16.54
CA PRO B 160 4.27 -7.49 15.15
C PRO B 160 4.31 -6.37 14.11
N TYR B 161 3.89 -5.14 14.46
CA TYR B 161 3.85 -4.00 13.53
C TYR B 161 5.28 -3.51 13.33
N TRP B 162 6.03 -3.53 14.41
CA TRP B 162 7.41 -3.14 14.37
C TRP B 162 8.21 -4.12 13.49
N GLN B 163 8.01 -5.43 13.69
CA GLN B 163 8.73 -6.48 12.94
C GLN B 163 8.44 -6.59 11.44
N ASP B 164 7.18 -6.37 11.04
CA ASP B 164 6.74 -6.46 9.66
C ASP B 164 6.65 -5.12 8.97
N VAL B 165 5.98 -4.16 9.60
CA VAL B 165 5.80 -2.86 8.99
C VAL B 165 6.93 -1.85 9.18
N ILE B 166 7.34 -1.60 10.41
CA ILE B 166 8.38 -0.61 10.64
C ILE B 166 9.75 -1.01 10.13
N ALA B 167 10.12 -2.26 10.38
CA ALA B 167 11.39 -2.84 9.92
C ALA B 167 11.62 -2.73 8.42
N LYS B 168 10.55 -2.88 7.66
CA LYS B 168 10.65 -2.83 6.20
C LYS B 168 11.20 -1.47 5.76
N ASP B 169 10.77 -0.40 6.45
CA ASP B 169 11.23 0.95 6.08
C ASP B 169 12.64 1.14 6.53
N LEU B 170 12.89 0.79 7.79
CA LEU B 170 14.18 0.88 8.42
C LEU B 170 15.21 0.13 7.59
N LEU B 171 14.97 -1.16 7.35
CA LEU B 171 15.87 -2.01 6.56
C LEU B 171 16.04 -1.54 5.08
N SER B 172 15.17 -0.63 4.63
CA SER B 172 15.25 -0.03 3.29
C SER B 172 16.04 1.29 3.30
N GLY B 173 16.61 1.65 4.45
CA GLY B 173 17.44 2.84 4.56
C GLY B 173 16.80 4.16 4.96
N LYS B 174 15.55 4.09 5.37
CA LYS B 174 14.82 5.27 5.74
C LYS B 174 14.94 5.48 7.23
N THR B 175 14.97 6.76 7.59
CA THR B 175 15.08 7.23 8.97
C THR B 175 13.61 7.32 9.45
N VAL B 176 13.21 6.38 10.31
CA VAL B 176 11.81 6.36 10.78
C VAL B 176 11.45 7.11 12.09
N MET B 177 10.48 8.03 12.03
CA MET B 177 10.06 8.73 13.24
C MET B 177 8.75 8.13 13.74
N ILE B 178 8.74 7.81 15.03
CA ILE B 178 7.56 7.26 15.65
C ILE B 178 7.15 8.24 16.71
N ALA B 179 5.90 8.69 16.61
CA ALA B 179 5.34 9.59 17.59
C ALA B 179 4.19 8.78 18.12
N ALA B 180 4.29 8.43 19.40
CA ALA B 180 3.26 7.68 20.09
C ALA B 180 3.25 8.01 21.58
N HIS B 181 2.99 7.00 22.41
CA HIS B 181 2.81 7.19 23.83
C HIS B 181 3.77 6.46 24.75
N GLY B 182 3.76 6.86 26.01
CA GLY B 182 4.65 6.27 27.01
C GLY B 182 4.93 4.76 26.96
N ASN B 183 4.02 3.95 27.50
CA ASN B 183 4.17 2.50 27.55
C ASN B 183 4.55 1.87 26.23
N SER B 184 3.95 2.34 25.13
CA SER B 184 4.26 1.75 23.83
C SER B 184 5.68 2.07 23.42
N LEU B 185 6.13 3.27 23.70
CA LEU B 185 7.51 3.61 23.35
C LEU B 185 8.49 2.87 24.27
N ARG B 186 8.12 2.70 25.55
CA ARG B 186 8.94 2.01 26.57
C ARG B 186 8.93 0.52 26.26
N GLY B 187 7.74 0.05 25.88
CA GLY B 187 7.53 -1.34 25.51
C GLY B 187 8.53 -1.66 24.43
N LEU B 188 8.75 -0.69 23.55
CA LEU B 188 9.67 -0.77 22.42
C LEU B 188 11.17 -0.61 22.75
N VAL B 189 11.49 0.27 23.69
CA VAL B 189 12.89 0.48 24.10
C VAL B 189 13.31 -0.73 24.92
N LYS B 190 12.35 -1.38 25.59
CA LYS B 190 12.67 -2.61 26.36
C LYS B 190 13.21 -3.67 25.39
N HIS B 191 12.61 -3.71 24.20
CA HIS B 191 13.01 -4.66 23.16
C HIS B 191 14.38 -4.28 22.67
N LEU B 192 14.48 -3.10 22.10
CA LEU B 192 15.74 -2.64 21.53
C LEU B 192 17.01 -2.90 22.35
N GLU B 193 16.90 -2.87 23.67
CA GLU B 193 18.07 -3.02 24.52
C GLU B 193 18.09 -4.24 25.45
N GLY B 194 17.15 -5.16 25.28
CA GLY B 194 17.12 -6.34 26.12
C GLY B 194 16.80 -6.08 27.59
N ILE B 195 16.20 -4.92 27.88
CA ILE B 195 15.84 -4.60 29.24
C ILE B 195 14.98 -5.73 29.83
N SER B 196 15.26 -6.11 31.08
CA SER B 196 14.51 -7.17 31.76
C SER B 196 13.14 -6.68 32.27
N ASP B 197 12.20 -7.62 32.46
CA ASP B 197 10.84 -7.34 32.94
C ASP B 197 10.90 -6.64 34.29
N ALA B 198 11.85 -7.11 35.09
CA ALA B 198 12.10 -6.61 36.42
C ALA B 198 12.45 -5.11 36.42
N ASP B 199 13.35 -4.71 35.54
CA ASP B 199 13.84 -3.34 35.45
C ASP B 199 13.04 -2.39 34.58
N ILE B 200 12.18 -2.90 33.71
CA ILE B 200 11.44 -2.03 32.80
C ILE B 200 10.71 -0.88 33.46
N ALA B 201 10.14 -1.13 34.63
CA ALA B 201 9.40 -0.11 35.35
C ALA B 201 10.20 1.18 35.66
N LYS B 202 11.52 1.02 35.80
CA LYS B 202 12.44 2.14 36.09
C LYS B 202 12.62 3.15 34.94
N LEU B 203 12.54 2.66 33.70
CA LEU B 203 12.75 3.49 32.50
C LEU B 203 11.75 4.60 32.19
N ASN B 204 12.25 5.83 32.19
CA ASN B 204 11.43 6.98 31.85
C ASN B 204 11.80 7.40 30.43
N ILE B 205 10.86 8.09 29.79
CA ILE B 205 11.04 8.60 28.46
C ILE B 205 10.28 9.93 28.55
N PRO B 206 11.01 11.05 28.66
CA PRO B 206 10.35 12.34 28.78
C PRO B 206 9.49 12.67 27.57
N THR B 207 8.60 13.64 27.76
CA THR B 207 7.69 14.07 26.71
C THR B 207 8.32 15.25 26.01
N GLY B 208 8.19 15.29 24.67
CA GLY B 208 8.72 16.37 23.84
C GLY B 208 10.20 16.31 23.57
N ILE B 209 10.82 15.17 23.90
CA ILE B 209 12.25 14.95 23.64
C ILE B 209 12.42 13.62 22.92
N PRO B 210 12.88 13.71 21.65
CA PRO B 210 13.17 12.69 20.67
C PRO B 210 14.37 11.83 21.02
N LEU B 211 14.11 10.54 21.17
CA LEU B 211 15.13 9.56 21.51
C LEU B 211 15.55 9.04 20.15
N VAL B 212 16.81 9.24 19.79
CA VAL B 212 17.24 8.75 18.49
C VAL B 212 18.01 7.49 18.77
N PHE B 213 17.91 6.53 17.83
CA PHE B 213 18.59 5.23 17.95
C PHE B 213 19.31 4.90 16.68
N GLU B 214 20.62 4.72 16.76
CA GLU B 214 21.39 4.36 15.59
C GLU B 214 21.43 2.84 15.61
N LEU B 215 20.83 2.25 14.58
CA LEU B 215 20.73 0.79 14.48
C LEU B 215 21.70 0.19 13.45
N ASP B 216 21.75 -1.14 13.41
CA ASP B 216 22.58 -1.91 12.48
C ASP B 216 21.68 -2.95 11.76
N GLU B 217 22.23 -3.65 10.77
CA GLU B 217 21.54 -4.66 9.96
C GLU B 217 20.55 -5.50 10.76
N ASN B 218 20.91 -5.75 12.03
CA ASN B 218 20.11 -6.58 12.94
C ASN B 218 19.11 -5.82 13.78
N LEU B 219 18.93 -4.54 13.44
CA LEU B 219 18.02 -3.65 14.17
C LEU B 219 18.33 -3.63 15.67
N LYS B 220 19.52 -4.10 16.04
CA LYS B 220 20.00 -4.06 17.43
C LYS B 220 20.73 -2.71 17.39
N PRO B 221 20.71 -1.93 18.49
CA PRO B 221 21.38 -0.62 18.47
C PRO B 221 22.91 -0.61 18.32
N SER B 222 23.41 0.27 17.45
CA SER B 222 24.85 0.39 17.19
C SER B 222 25.61 1.09 18.30
N LYS B 223 25.00 2.12 18.86
CA LYS B 223 25.62 2.86 19.96
C LYS B 223 24.53 3.34 20.91
N PRO B 224 24.91 3.65 22.18
CA PRO B 224 23.90 4.12 23.13
C PRO B 224 22.91 5.15 22.58
N SER B 225 21.63 4.91 22.81
CA SER B 225 20.57 5.82 22.43
C SER B 225 20.89 7.17 23.04
N TYR B 226 20.47 8.24 22.38
CA TYR B 226 20.73 9.57 22.91
C TYR B 226 19.60 10.56 22.66
N TYR B 227 19.37 11.45 23.61
CA TYR B 227 18.34 12.47 23.43
C TYR B 227 18.96 13.70 22.74
N LEU B 228 18.21 14.32 21.84
CA LEU B 228 18.74 15.47 21.14
C LEU B 228 18.86 16.70 22.05
N ASP B 229 18.61 16.47 23.33
CA ASP B 229 18.69 17.47 24.39
C ASP B 229 18.96 16.60 25.63
N PRO B 230 20.19 16.04 25.77
CA PRO B 230 20.50 15.20 26.94
C PRO B 230 20.25 15.81 28.32
N GLU B 231 20.33 17.14 28.44
CA GLU B 231 20.10 17.85 29.70
C GLU B 231 18.64 17.78 30.15
N ALA B 232 17.71 18.40 29.42
CA ALA B 232 16.29 18.35 29.78
C ALA B 232 15.77 16.89 29.84
N ALA B 233 16.59 15.97 29.34
CA ALA B 233 16.29 14.55 29.30
C ALA B 233 16.83 13.89 30.58
N ALA B 234 18.14 14.06 30.81
CA ALA B 234 18.79 13.51 31.99
C ALA B 234 18.45 14.35 33.23
N ALA B 235 17.82 15.52 33.00
CA ALA B 235 17.41 16.39 34.09
C ALA B 235 16.09 15.90 34.67
N PRO C 1 -19.20 -11.90 5.55
CA PRO C 1 -17.84 -12.15 5.01
C PRO C 1 -17.65 -13.63 4.61
N LYS C 2 -16.86 -13.87 3.57
CA LYS C 2 -16.59 -15.23 3.05
C LYS C 2 -15.08 -15.42 2.97
N LEU C 3 -14.61 -16.53 3.49
CA LEU C 3 -13.19 -16.82 3.49
C LEU C 3 -12.93 -18.17 2.80
N VAL C 4 -11.87 -18.27 2.01
CA VAL C 4 -11.52 -19.54 1.37
C VAL C 4 -10.08 -19.96 1.62
N LEU C 5 -9.88 -21.17 2.16
CA LEU C 5 -8.54 -21.71 2.44
C LEU C 5 -8.19 -22.83 1.46
N VAL C 6 -6.95 -22.84 0.95
CA VAL C 6 -6.49 -23.87 0.02
C VAL C 6 -5.13 -24.41 0.44
N ARG C 7 -5.11 -25.70 0.83
CA ARG C 7 -3.88 -26.36 1.22
C ARG C 7 -3.25 -26.81 -0.10
N HIS C 8 -2.01 -26.42 -0.35
CA HIS C 8 -1.30 -26.80 -1.54
C HIS C 8 -1.08 -28.33 -1.54
N GLY C 9 -1.13 -28.94 -2.76
CA GLY C 9 -0.94 -30.38 -2.89
C GLY C 9 0.50 -30.80 -2.71
N GLN C 10 0.78 -32.07 -3.00
CA GLN C 10 2.12 -32.66 -2.86
C GLN C 10 3.26 -31.83 -3.43
N SER C 11 4.45 -32.04 -2.87
CA SER C 11 5.66 -31.35 -3.31
C SER C 11 6.67 -32.39 -3.75
N GLU C 12 7.82 -31.92 -4.23
CA GLU C 12 8.88 -32.80 -4.71
C GLU C 12 9.53 -33.62 -3.56
N TRP C 13 9.45 -33.08 -2.35
CA TRP C 13 9.97 -33.68 -1.13
C TRP C 13 8.95 -34.57 -0.39
N ASN C 14 7.68 -34.46 -0.73
CA ASN C 14 6.57 -35.25 -0.17
C ASN C 14 6.70 -36.64 -0.76
N GLU C 15 7.43 -36.70 -1.89
CA GLU C 15 7.71 -37.91 -2.66
C GLU C 15 8.95 -38.60 -2.12
N LYS C 16 9.90 -37.77 -1.68
CA LYS C 16 11.18 -38.19 -1.12
C LYS C 16 11.17 -38.54 0.37
N ASN C 17 10.04 -38.34 1.06
CA ASN C 17 9.97 -38.64 2.48
C ASN C 17 10.86 -37.66 3.28
N LEU C 18 10.92 -36.38 2.87
CA LEU C 18 11.73 -35.34 3.58
C LEU C 18 10.87 -34.27 4.26
N PHE C 19 11.19 -33.96 5.51
CA PHE C 19 10.49 -32.95 6.31
C PHE C 19 10.82 -31.65 5.66
N THR C 20 9.80 -30.91 5.24
CA THR C 20 10.04 -29.65 4.54
C THR C 20 9.98 -28.37 5.33
N GLY C 21 8.85 -28.09 6.01
CA GLY C 21 8.76 -26.84 6.78
C GLY C 21 8.84 -25.60 5.87
N TRP C 22 9.91 -24.80 6.03
CA TRP C 22 10.13 -23.58 5.23
C TRP C 22 10.98 -23.78 3.98
N VAL C 23 11.59 -24.93 3.76
CA VAL C 23 12.41 -25.08 2.56
C VAL C 23 11.48 -24.84 1.39
N ASP C 24 11.95 -24.09 0.42
CA ASP C 24 11.04 -23.74 -0.67
C ASP C 24 10.94 -24.79 -1.76
N VAL C 25 10.30 -25.89 -1.40
CA VAL C 25 10.09 -27.05 -2.27
C VAL C 25 8.94 -26.75 -3.27
N LYS C 26 9.06 -27.38 -4.45
CA LYS C 26 8.09 -27.18 -5.53
C LYS C 26 6.98 -28.20 -5.60
N LEU C 27 5.89 -27.80 -6.21
CA LEU C 27 4.73 -28.65 -6.35
C LEU C 27 5.19 -29.76 -7.29
N SER C 28 4.70 -30.99 -7.09
CA SER C 28 5.07 -32.07 -7.98
C SER C 28 4.06 -31.96 -9.10
N ALA C 29 4.19 -32.76 -10.16
CA ALA C 29 3.23 -32.72 -11.28
C ALA C 29 1.82 -32.99 -10.71
N LYS C 30 1.80 -33.84 -9.66
CA LYS C 30 0.58 -34.26 -8.96
C LYS C 30 -0.02 -33.12 -8.17
N GLY C 31 0.86 -32.27 -7.62
CA GLY C 31 0.46 -31.12 -6.81
C GLY C 31 -0.26 -30.19 -7.73
N GLN C 32 0.36 -29.89 -8.85
CA GLN C 32 -0.24 -29.07 -9.91
C GLN C 32 -1.62 -29.61 -10.32
N GLN C 33 -1.76 -30.92 -10.57
CA GLN C 33 -3.09 -31.47 -10.94
C GLN C 33 -4.14 -31.11 -9.84
N GLU C 34 -3.68 -31.10 -8.56
CA GLU C 34 -4.48 -30.80 -7.34
C GLU C 34 -4.83 -29.34 -7.26
N ALA C 35 -3.85 -28.46 -7.49
CA ALA C 35 -4.10 -27.02 -7.49
C ALA C 35 -5.22 -26.73 -8.48
N ALA C 36 -5.08 -27.23 -9.71
CA ALA C 36 -6.09 -27.07 -10.76
C ALA C 36 -7.50 -27.55 -10.34
N ARG C 37 -7.57 -28.72 -9.71
CA ARG C 37 -8.84 -29.29 -9.24
C ARG C 37 -9.52 -28.36 -8.23
N ALA C 38 -8.71 -27.64 -7.45
CA ALA C 38 -9.23 -26.67 -6.47
C ALA C 38 -9.83 -25.45 -7.21
N GLY C 39 -9.09 -24.88 -8.15
CA GLY C 39 -9.62 -23.74 -8.89
C GLY C 39 -10.95 -24.02 -9.59
N GLU C 40 -11.10 -25.27 -10.05
CA GLU C 40 -12.28 -25.77 -10.76
C GLU C 40 -13.50 -25.83 -9.83
N LEU C 41 -13.27 -26.27 -8.59
CA LEU C 41 -14.29 -26.35 -7.55
C LEU C 41 -14.71 -24.95 -7.10
N LEU C 42 -13.78 -24.00 -7.22
CA LEU C 42 -14.09 -22.61 -6.86
C LEU C 42 -15.02 -22.16 -7.94
N LYS C 43 -14.69 -22.44 -9.19
CA LYS C 43 -15.52 -21.99 -10.33
C LYS C 43 -16.92 -22.57 -10.35
N GLU C 44 -16.93 -23.90 -10.32
CA GLU C 44 -18.09 -24.78 -10.37
C GLU C 44 -19.08 -24.53 -9.23
N LYS C 45 -18.52 -24.24 -8.05
CA LYS C 45 -19.31 -23.97 -6.85
C LYS C 45 -19.63 -22.49 -6.65
N LYS C 46 -19.34 -21.69 -7.67
CA LYS C 46 -19.64 -20.26 -7.65
C LYS C 46 -19.11 -19.48 -6.42
N VAL C 47 -17.87 -19.77 -6.02
CA VAL C 47 -17.23 -19.06 -4.90
C VAL C 47 -16.20 -18.14 -5.54
N TYR C 48 -16.44 -16.83 -5.43
CA TYR C 48 -15.64 -15.84 -6.13
C TYR C 48 -14.73 -14.93 -5.34
N PRO C 49 -13.45 -15.34 -5.21
CA PRO C 49 -12.38 -14.64 -4.49
C PRO C 49 -12.07 -13.27 -5.03
N ASP C 50 -12.30 -12.26 -4.20
CA ASP C 50 -12.01 -10.89 -4.57
C ASP C 50 -10.55 -10.55 -4.33
N VAL C 51 -9.89 -11.26 -3.41
CA VAL C 51 -8.49 -11.01 -3.06
C VAL C 51 -7.71 -12.26 -2.62
N LEU C 52 -6.37 -12.23 -2.72
CA LEU C 52 -5.54 -13.39 -2.36
C LEU C 52 -4.35 -13.14 -1.45
N TYR C 53 -4.20 -14.03 -0.47
CA TYR C 53 -3.12 -13.98 0.48
C TYR C 53 -2.44 -15.35 0.41
N THR C 54 -1.15 -15.39 0.10
CA THR C 54 -0.42 -16.66 0.11
C THR C 54 0.63 -16.56 1.21
N SER C 55 1.64 -17.42 1.18
CA SER C 55 2.75 -17.42 2.14
C SER C 55 3.92 -16.95 1.30
N LYS C 56 5.17 -17.09 1.75
CA LYS C 56 6.27 -16.73 0.84
C LYS C 56 6.87 -18.00 0.22
N LEU C 57 6.15 -19.12 0.33
CA LEU C 57 6.61 -20.38 -0.19
C LEU C 57 5.99 -20.68 -1.56
N SER C 58 6.86 -21.05 -2.51
CA SER C 58 6.48 -21.31 -3.90
C SER C 58 5.39 -22.33 -4.09
N ARG C 59 5.48 -23.45 -3.40
CA ARG C 59 4.47 -24.47 -3.58
C ARG C 59 3.05 -23.96 -3.29
N ALA C 60 2.97 -22.95 -2.43
CA ALA C 60 1.72 -22.29 -2.05
C ALA C 60 1.28 -21.29 -3.11
N ILE C 61 2.27 -20.54 -3.62
CA ILE C 61 2.14 -19.49 -4.65
C ILE C 61 1.82 -20.17 -5.96
N GLN C 62 2.40 -21.35 -6.19
CA GLN C 62 2.11 -22.10 -7.44
C GLN C 62 0.65 -22.54 -7.47
N THR C 63 0.16 -23.00 -6.32
CA THR C 63 -1.23 -23.45 -6.13
C THR C 63 -2.23 -22.32 -6.40
N ALA C 64 -1.88 -21.11 -5.96
CA ALA C 64 -2.70 -19.94 -6.14
C ALA C 64 -2.79 -19.71 -7.65
N ASN C 65 -1.63 -19.45 -8.27
CA ASN C 65 -1.51 -19.24 -9.72
C ASN C 65 -2.21 -20.30 -10.60
N ILE C 66 -2.25 -21.57 -10.17
CA ILE C 66 -2.95 -22.58 -10.98
C ILE C 66 -4.48 -22.53 -10.74
N ALA C 67 -4.84 -22.53 -9.46
CA ALA C 67 -6.25 -22.53 -9.05
C ALA C 67 -7.03 -21.34 -9.56
N LEU C 68 -6.47 -20.15 -9.39
CA LEU C 68 -7.18 -18.97 -9.88
C LEU C 68 -7.10 -18.90 -11.39
N GLU C 69 -6.40 -19.81 -12.02
CA GLU C 69 -6.38 -19.72 -13.47
C GLU C 69 -7.60 -20.46 -14.03
N LYS C 70 -7.98 -21.54 -13.34
CA LYS C 70 -9.12 -22.38 -13.70
C LYS C 70 -10.42 -21.73 -13.26
N ALA C 71 -10.30 -20.70 -12.42
CA ALA C 71 -11.40 -19.92 -11.84
C ALA C 71 -11.58 -18.62 -12.58
N ASP C 72 -10.60 -18.33 -13.45
CA ASP C 72 -10.51 -17.12 -14.30
C ASP C 72 -10.29 -15.85 -13.47
N ARG C 73 -9.97 -16.00 -12.17
CA ARG C 73 -9.77 -14.84 -11.30
C ARG C 73 -8.33 -14.52 -11.09
N LEU C 74 -7.59 -14.76 -12.13
CA LEU C 74 -6.15 -14.54 -12.16
C LEU C 74 -5.79 -13.09 -12.02
N TRP C 75 -6.78 -12.21 -11.96
CA TRP C 75 -6.53 -10.78 -11.87
C TRP C 75 -6.65 -10.16 -10.45
N ILE C 76 -7.37 -10.84 -9.55
CA ILE C 76 -7.60 -10.39 -8.20
C ILE C 76 -6.25 -10.04 -7.58
N PRO C 77 -6.18 -9.04 -6.68
CA PRO C 77 -4.93 -8.61 -6.02
C PRO C 77 -4.33 -9.67 -5.10
N VAL C 78 -3.01 -9.61 -4.97
CA VAL C 78 -2.34 -10.59 -4.17
C VAL C 78 -1.20 -10.10 -3.26
N ASN C 79 -1.31 -10.48 -1.99
CA ASN C 79 -0.34 -10.13 -0.96
C ASN C 79 0.36 -11.37 -0.36
N ARG C 80 1.63 -11.20 0.02
CA ARG C 80 2.41 -12.30 0.61
C ARG C 80 3.09 -11.97 1.97
N SER C 81 3.16 -12.96 2.87
CA SER C 81 3.80 -12.78 4.16
C SER C 81 4.29 -14.10 4.70
N TRP C 82 5.52 -14.04 5.17
CA TRP C 82 6.12 -15.18 5.79
C TRP C 82 5.16 -15.75 6.86
N ARG C 83 4.29 -14.92 7.44
CA ARG C 83 3.37 -15.37 8.52
C ARG C 83 2.34 -16.40 8.07
N LEU C 84 2.27 -16.67 6.76
CA LEU C 84 1.35 -17.69 6.32
C LEU C 84 2.12 -19.01 6.07
N ASN C 85 3.44 -18.90 6.11
CA ASN C 85 4.36 -20.03 5.96
C ASN C 85 3.92 -21.21 6.81
N GLU C 86 4.46 -22.34 6.46
CA GLU C 86 4.21 -23.57 7.14
C GLU C 86 5.14 -23.53 8.37
N ARG C 87 4.88 -24.40 9.32
CA ARG C 87 5.69 -24.46 10.52
C ARG C 87 7.14 -24.74 10.14
N HIS C 88 8.06 -23.88 10.60
CA HIS C 88 9.50 -24.09 10.36
C HIS C 88 9.79 -25.38 11.14
N TYR C 89 10.54 -26.27 10.52
CA TYR C 89 10.81 -27.55 11.10
C TYR C 89 12.16 -27.67 11.85
N GLY C 90 12.88 -26.55 11.96
CA GLY C 90 14.16 -26.59 12.66
C GLY C 90 15.20 -27.52 12.08
N ASP C 91 15.83 -28.32 12.93
CA ASP C 91 16.91 -29.27 12.53
C ASP C 91 16.47 -30.34 11.56
N LEU C 92 15.29 -30.86 11.85
CA LEU C 92 14.61 -31.88 11.06
C LEU C 92 14.38 -31.48 9.55
N GLN C 93 14.74 -30.25 9.17
CA GLN C 93 14.56 -29.81 7.79
C GLN C 93 15.69 -30.36 6.92
N GLY C 94 15.31 -30.98 5.79
CA GLY C 94 16.25 -31.60 4.88
C GLY C 94 16.57 -33.03 5.32
N LYS C 95 15.57 -33.74 5.88
CA LYS C 95 15.79 -35.07 6.43
C LYS C 95 14.69 -36.10 6.22
N ASP C 96 15.07 -37.36 6.26
CA ASP C 96 14.13 -38.46 6.05
C ASP C 96 13.15 -38.74 7.18
N LYS C 97 11.88 -38.85 6.85
CA LYS C 97 10.85 -39.13 7.85
C LYS C 97 10.93 -40.50 8.41
N ALA C 98 11.44 -41.43 7.62
CA ALA C 98 11.58 -42.81 8.10
C ALA C 98 12.84 -43.08 8.95
N GLU C 99 13.91 -42.35 8.64
CA GLU C 99 15.19 -42.37 9.31
C GLU C 99 15.07 -41.64 10.65
N THR C 100 14.28 -40.58 10.62
CA THR C 100 14.02 -39.81 11.80
C THR C 100 13.20 -40.66 12.74
N LEU C 101 12.39 -41.57 12.21
CA LEU C 101 11.63 -42.46 13.10
C LEU C 101 12.53 -43.58 13.70
N LYS C 102 13.50 -44.06 12.92
CA LYS C 102 14.41 -45.09 13.41
C LYS C 102 15.40 -44.52 14.44
N LYS C 103 15.50 -43.21 14.48
CA LYS C 103 16.42 -42.52 15.39
C LYS C 103 15.86 -42.08 16.76
N PHE C 104 14.73 -41.35 16.73
CA PHE C 104 14.09 -40.82 17.93
C PHE C 104 12.94 -41.66 18.47
N GLY C 105 12.54 -42.62 17.66
CA GLY C 105 11.49 -43.52 18.07
C GLY C 105 10.12 -42.96 17.80
N GLU C 106 9.09 -43.79 18.01
CA GLU C 106 7.70 -43.41 17.76
C GLU C 106 7.24 -42.15 18.54
N GLU C 107 7.45 -42.16 19.85
CA GLU C 107 7.05 -41.04 20.69
C GLU C 107 7.66 -39.66 20.37
N LYS C 108 8.99 -39.56 20.39
CA LYS C 108 9.70 -38.30 20.09
C LYS C 108 9.39 -37.88 18.64
N PHE C 109 9.10 -38.88 17.78
CA PHE C 109 8.76 -38.64 16.38
C PHE C 109 7.41 -37.96 16.31
N ASN C 110 6.40 -38.52 16.98
CA ASN C 110 5.05 -37.95 17.03
C ASN C 110 5.11 -36.55 17.60
N THR C 111 5.78 -36.43 18.75
CA THR C 111 5.92 -35.15 19.43
C THR C 111 6.43 -34.07 18.47
N TYR C 112 7.48 -34.38 17.72
CA TYR C 112 8.04 -33.41 16.76
C TYR C 112 7.02 -33.07 15.65
N ARG C 113 6.08 -33.98 15.43
CA ARG C 113 5.08 -33.81 14.39
C ARG C 113 3.74 -33.22 14.78
N ARG C 114 3.25 -33.58 15.96
CA ARG C 114 1.93 -33.15 16.40
C ARG C 114 1.75 -32.51 17.78
N SER C 115 2.83 -32.35 18.53
CA SER C 115 2.70 -31.67 19.81
C SER C 115 2.44 -30.17 19.49
N PHE C 116 1.59 -29.58 20.31
CA PHE C 116 1.18 -28.21 20.15
C PHE C 116 2.28 -27.22 20.56
N ASP C 117 2.76 -27.39 21.79
CA ASP C 117 3.78 -26.54 22.37
C ASP C 117 5.18 -27.04 22.18
N VAL C 118 5.36 -28.32 21.83
CA VAL C 118 6.71 -28.81 21.69
C VAL C 118 7.25 -28.70 20.27
N PRO C 119 8.22 -27.80 20.10
CA PRO C 119 8.85 -27.55 18.81
C PRO C 119 9.99 -28.49 18.52
N PRO C 120 10.22 -28.82 17.24
CA PRO C 120 11.32 -29.70 16.83
C PRO C 120 12.59 -28.99 17.34
N PRO C 121 13.77 -29.58 17.15
CA PRO C 121 14.95 -28.84 17.66
C PRO C 121 15.52 -27.75 16.75
N PRO C 122 16.00 -26.66 17.36
CA PRO C 122 16.57 -25.52 16.63
C PRO C 122 17.63 -25.95 15.61
N ILE C 123 17.52 -25.37 14.41
CA ILE C 123 18.45 -25.66 13.32
C ILE C 123 19.74 -24.84 13.41
N ASP C 124 20.88 -25.53 13.25
CA ASP C 124 22.21 -24.92 13.28
C ASP C 124 22.24 -23.73 12.31
N ALA C 125 22.66 -22.57 12.82
CA ALA C 125 22.76 -21.33 12.06
C ALA C 125 23.29 -21.45 10.62
N SER C 126 24.40 -22.17 10.46
CA SER C 126 25.03 -22.36 9.16
C SER C 126 24.76 -23.71 8.48
N SER C 127 23.50 -24.15 8.42
CA SER C 127 23.16 -25.44 7.77
C SER C 127 22.57 -25.24 6.36
N PRO C 128 22.72 -26.26 5.47
CA PRO C 128 22.22 -26.23 4.08
C PRO C 128 20.69 -26.10 3.88
N PHE C 129 19.93 -26.35 4.95
CA PHE C 129 18.47 -26.29 4.93
C PHE C 129 17.87 -25.13 5.78
N SER C 130 18.73 -24.21 6.21
CA SER C 130 18.29 -23.04 6.99
C SER C 130 18.02 -21.84 6.06
N GLN C 131 16.92 -21.12 6.30
CA GLN C 131 16.59 -19.95 5.50
C GLN C 131 17.12 -18.68 6.11
N LYS C 132 18.05 -18.76 7.06
CA LYS C 132 18.53 -17.52 7.64
C LYS C 132 19.28 -16.73 6.61
N GLY C 133 18.72 -15.59 6.26
CA GLY C 133 19.36 -14.73 5.29
C GLY C 133 18.69 -14.76 3.91
N ASP C 134 17.63 -15.54 3.74
CA ASP C 134 16.94 -15.65 2.45
C ASP C 134 16.47 -14.28 1.96
N GLU C 135 16.71 -14.02 0.69
CA GLU C 135 16.34 -12.74 0.06
C GLU C 135 14.87 -12.37 0.32
N ARG C 136 14.01 -13.38 0.40
CA ARG C 136 12.59 -13.17 0.60
C ARG C 136 12.18 -12.72 1.99
N TYR C 137 13.10 -12.78 2.95
CA TYR C 137 12.77 -12.33 4.30
C TYR C 137 13.73 -11.21 4.75
N LYS C 138 14.20 -10.41 3.81
CA LYS C 138 15.16 -9.36 4.09
C LYS C 138 14.58 -8.03 4.53
N TYR C 139 13.26 -7.96 4.68
CA TYR C 139 12.63 -6.70 5.12
C TYR C 139 11.72 -6.93 6.35
N VAL C 140 12.04 -8.01 7.08
CA VAL C 140 11.37 -8.47 8.30
C VAL C 140 12.45 -8.31 9.35
N ASP C 141 12.05 -8.11 10.62
CA ASP C 141 12.99 -7.97 11.75
C ASP C 141 13.69 -9.32 11.82
N PRO C 142 15.03 -9.34 11.66
CA PRO C 142 15.83 -10.57 11.68
C PRO C 142 15.64 -11.47 12.88
N ASN C 143 15.40 -10.87 14.05
CA ASN C 143 15.20 -11.55 15.31
C ASN C 143 13.88 -12.31 15.43
N VAL C 144 12.91 -11.98 14.59
CA VAL C 144 11.62 -12.65 14.71
C VAL C 144 11.52 -13.90 13.86
N LEU C 145 12.51 -14.05 12.97
CA LEU C 145 12.62 -15.17 12.03
C LEU C 145 13.01 -16.42 12.83
N PRO C 146 12.13 -17.44 12.86
CA PRO C 146 12.25 -18.73 13.54
C PRO C 146 13.37 -19.69 13.09
N GLU C 147 14.05 -20.27 14.05
CA GLU C 147 15.13 -21.22 13.84
C GLU C 147 14.42 -22.61 13.88
N THR C 148 13.12 -22.59 14.22
CA THR C 148 12.29 -23.80 14.35
C THR C 148 10.92 -23.33 14.84
N GLU C 149 9.94 -24.23 14.93
CA GLU C 149 8.62 -23.81 15.40
C GLU C 149 7.70 -24.94 15.80
N SER C 150 6.60 -24.58 16.43
CA SER C 150 5.58 -25.54 16.84
C SER C 150 4.29 -24.88 16.40
N LEU C 151 3.22 -25.67 16.32
CA LEU C 151 1.94 -25.12 15.90
C LEU C 151 1.66 -23.95 16.86
N ALA C 152 1.94 -24.11 18.16
CA ALA C 152 1.71 -22.99 19.08
C ALA C 152 2.35 -21.72 18.56
N LEU C 153 3.67 -21.80 18.38
CA LEU C 153 4.52 -20.70 17.89
C LEU C 153 4.00 -20.12 16.54
N VAL C 154 3.73 -21.02 15.59
CA VAL C 154 3.21 -20.65 14.27
C VAL C 154 2.01 -19.71 14.43
N ILE C 155 1.06 -20.11 15.28
CA ILE C 155 -0.12 -19.28 15.51
C ILE C 155 0.17 -17.92 16.15
N ASP C 156 1.25 -17.82 16.91
CA ASP C 156 1.62 -16.57 17.59
C ASP C 156 2.05 -15.55 16.53
N ARG C 157 2.70 -16.08 15.49
CA ARG C 157 3.14 -15.22 14.40
C ARG C 157 2.13 -15.09 13.26
N LEU C 158 1.07 -15.89 13.30
CA LEU C 158 0.07 -15.76 12.23
C LEU C 158 -0.99 -14.83 12.66
N LEU C 159 -1.44 -14.96 13.90
CA LEU C 159 -2.54 -14.15 14.38
C LEU C 159 -2.54 -12.68 14.02
N PRO C 160 -1.42 -11.96 14.18
CA PRO C 160 -1.30 -10.53 13.84
C PRO C 160 -1.63 -10.20 12.38
N TYR C 161 -1.18 -11.07 11.46
CA TYR C 161 -1.46 -10.82 10.04
C TYR C 161 -2.96 -10.95 9.87
N TRP C 162 -3.52 -12.05 10.37
CA TRP C 162 -4.97 -12.23 10.29
C TRP C 162 -5.73 -11.06 10.89
N GLN C 163 -5.27 -10.57 12.05
CA GLN C 163 -5.91 -9.47 12.79
C GLN C 163 -5.92 -8.08 12.19
N ASP C 164 -4.86 -7.71 11.48
CA ASP C 164 -4.70 -6.39 10.87
C ASP C 164 -4.80 -6.35 9.32
N VAL C 165 -4.31 -7.39 8.68
CA VAL C 165 -4.30 -7.42 7.23
C VAL C 165 -5.45 -8.17 6.61
N ILE C 166 -5.54 -9.46 6.87
CA ILE C 166 -6.62 -10.27 6.31
C ILE C 166 -8.01 -9.75 6.76
N ALA C 167 -8.11 -9.35 8.02
CA ALA C 167 -9.37 -8.80 8.53
C ALA C 167 -9.76 -7.43 7.89
N LYS C 168 -8.79 -6.57 7.62
CA LYS C 168 -9.17 -5.30 7.00
C LYS C 168 -10.09 -5.62 5.84
N ASP C 169 -9.64 -6.54 4.96
CA ASP C 169 -10.41 -6.98 3.76
C ASP C 169 -11.70 -7.73 4.05
N LEU C 170 -11.64 -8.74 4.89
CA LEU C 170 -12.85 -9.49 5.24
C LEU C 170 -13.90 -8.48 5.72
N LEU C 171 -13.49 -7.56 6.58
CA LEU C 171 -14.40 -6.53 7.08
C LEU C 171 -14.72 -5.36 6.11
N SER C 172 -14.30 -5.49 4.84
CA SER C 172 -14.60 -4.50 3.83
C SER C 172 -15.58 -5.19 2.87
N GLY C 173 -16.00 -6.39 3.27
CA GLY C 173 -16.95 -7.16 2.45
C GLY C 173 -16.35 -7.92 1.27
N LYS C 174 -15.03 -8.11 1.29
CA LYS C 174 -14.34 -8.83 0.24
C LYS C 174 -14.32 -10.31 0.63
N THR C 175 -14.17 -11.17 -0.38
CA THR C 175 -14.06 -12.62 -0.23
C THR C 175 -12.56 -12.83 -0.32
N VAL C 176 -11.98 -13.42 0.73
CA VAL C 176 -10.56 -13.63 0.81
C VAL C 176 -10.21 -15.10 0.68
N MET C 177 -9.30 -15.39 -0.24
CA MET C 177 -8.84 -16.73 -0.43
C MET C 177 -7.46 -16.67 0.14
N ILE C 178 -7.09 -17.74 0.85
CA ILE C 178 -5.79 -17.85 1.45
C ILE C 178 -5.28 -19.20 0.92
N ALA C 179 -4.02 -19.22 0.53
CA ALA C 179 -3.38 -20.40 0.04
C ALA C 179 -2.10 -20.43 0.87
N ALA C 180 -2.02 -21.42 1.72
CA ALA C 180 -0.87 -21.55 2.54
C ALA C 180 -0.54 -23.03 2.80
N HIS C 181 -0.18 -23.37 4.02
CA HIS C 181 0.25 -24.70 4.34
C HIS C 181 -0.60 -25.35 5.43
N GLY C 182 -0.42 -26.67 5.58
CA GLY C 182 -1.17 -27.46 6.55
C GLY C 182 -1.29 -26.94 7.98
N ASN C 183 -0.16 -26.55 8.56
CA ASN C 183 -0.13 -26.07 9.96
C ASN C 183 -0.55 -24.62 10.09
N SER C 184 -0.24 -23.78 9.11
CA SER C 184 -0.64 -22.40 9.19
C SER C 184 -2.16 -22.34 9.10
N LEU C 185 -2.75 -23.25 8.32
CA LEU C 185 -4.20 -23.29 8.15
C LEU C 185 -4.81 -24.04 9.32
N ARG C 186 -4.06 -25.03 9.83
CA ARG C 186 -4.42 -25.77 11.05
C ARG C 186 -4.50 -24.65 12.15
N GLY C 187 -3.46 -23.82 12.19
CA GLY C 187 -3.39 -22.75 13.14
C GLY C 187 -4.60 -21.87 13.08
N LEU C 188 -4.90 -21.36 11.90
CA LEU C 188 -6.07 -20.51 11.74
C LEU C 188 -7.43 -21.20 11.96
N VAL C 189 -7.59 -22.46 11.62
CA VAL C 189 -8.89 -23.08 11.84
C VAL C 189 -9.20 -23.26 13.36
N LYS C 190 -8.13 -23.42 14.14
CA LYS C 190 -8.17 -23.61 15.58
C LYS C 190 -8.71 -22.32 16.16
N HIS C 191 -8.05 -21.23 15.79
CA HIS C 191 -8.42 -19.88 16.20
C HIS C 191 -9.87 -19.55 15.82
N LEU C 192 -10.25 -19.83 14.58
CA LEU C 192 -11.62 -19.55 14.13
C LEU C 192 -12.65 -20.42 14.85
N GLU C 193 -12.34 -21.71 15.02
CA GLU C 193 -13.27 -22.64 15.65
C GLU C 193 -13.22 -22.95 17.16
N GLY C 194 -12.28 -22.34 17.87
CA GLY C 194 -12.15 -22.53 19.29
C GLY C 194 -11.80 -23.96 19.64
N ILE C 195 -10.96 -24.58 18.83
CA ILE C 195 -10.57 -25.96 19.05
C ILE C 195 -9.51 -26.04 20.15
N SER C 196 -9.60 -27.05 21.00
CA SER C 196 -8.69 -27.23 22.15
C SER C 196 -7.25 -27.47 21.83
N ASP C 197 -6.38 -27.08 22.73
CA ASP C 197 -4.95 -27.25 22.58
C ASP C 197 -4.65 -28.75 22.50
N ALA C 198 -5.56 -29.58 22.99
CA ALA C 198 -5.38 -31.03 22.99
C ALA C 198 -5.92 -31.70 21.74
N ASP C 199 -7.00 -31.12 21.23
CA ASP C 199 -7.75 -31.61 20.07
C ASP C 199 -7.29 -31.17 18.68
N ILE C 200 -6.43 -30.16 18.60
CA ILE C 200 -5.96 -29.64 17.31
C ILE C 200 -5.17 -30.64 16.48
N ALA C 201 -4.34 -31.44 17.15
CA ALA C 201 -3.50 -32.47 16.52
C ALA C 201 -4.23 -33.38 15.50
N LYS C 202 -5.43 -33.84 15.86
CA LYS C 202 -6.27 -34.69 15.03
C LYS C 202 -6.93 -33.97 13.83
N LEU C 203 -6.63 -32.69 13.62
CA LEU C 203 -7.23 -32.03 12.47
C LEU C 203 -6.27 -32.06 11.28
N ASN C 204 -6.80 -32.38 10.10
CA ASN C 204 -5.99 -32.38 8.89
C ASN C 204 -6.82 -31.58 7.91
N ILE C 205 -6.16 -30.98 6.93
CA ILE C 205 -6.89 -30.25 5.96
C ILE C 205 -6.56 -30.94 4.65
N PRO C 206 -7.61 -31.51 4.00
CA PRO C 206 -7.46 -32.21 2.73
C PRO C 206 -6.84 -31.25 1.75
N THR C 207 -5.78 -31.73 1.09
CA THR C 207 -5.07 -30.99 0.07
C THR C 207 -6.00 -30.86 -1.12
N GLY C 208 -5.86 -29.74 -1.84
CA GLY C 208 -6.63 -29.45 -3.03
C GLY C 208 -8.12 -29.20 -2.88
N ILE C 209 -8.62 -29.12 -1.65
CA ILE C 209 -10.03 -28.81 -1.47
C ILE C 209 -10.15 -27.56 -0.61
N PRO C 210 -10.90 -26.57 -1.14
CA PRO C 210 -11.21 -25.26 -0.58
C PRO C 210 -12.20 -25.35 0.57
N LEU C 211 -11.76 -24.95 1.76
CA LEU C 211 -12.60 -24.90 2.95
C LEU C 211 -13.13 -23.46 2.89
N VAL C 212 -14.45 -23.34 2.84
CA VAL C 212 -15.08 -22.06 2.80
C VAL C 212 -15.69 -21.77 4.17
N PHE C 213 -15.40 -20.59 4.72
CA PHE C 213 -15.92 -20.22 6.03
C PHE C 213 -16.78 -19.04 5.89
N GLU C 214 -18.00 -19.16 6.37
CA GLU C 214 -18.91 -18.04 6.33
C GLU C 214 -18.96 -17.36 7.70
N LEU C 215 -18.10 -16.36 7.80
CA LEU C 215 -17.86 -15.52 8.97
C LEU C 215 -18.85 -14.37 9.10
N ASP C 216 -19.13 -13.99 10.35
CA ASP C 216 -20.02 -12.89 10.72
C ASP C 216 -19.20 -11.61 11.00
N GLU C 217 -19.86 -10.53 11.43
CA GLU C 217 -19.16 -9.27 11.66
C GLU C 217 -18.13 -9.23 12.76
N ASN C 218 -17.91 -10.36 13.41
CA ASN C 218 -16.93 -10.50 14.49
C ASN C 218 -15.88 -11.54 14.02
N LEU C 219 -15.93 -11.85 12.72
CA LEU C 219 -15.02 -12.82 12.09
C LEU C 219 -15.08 -14.21 12.75
N LYS C 220 -16.30 -14.60 13.08
CA LYS C 220 -16.57 -15.86 13.71
C LYS C 220 -17.55 -16.59 12.81
N PRO C 221 -17.36 -17.90 12.66
CA PRO C 221 -18.25 -18.68 11.80
C PRO C 221 -19.74 -18.60 12.19
N SER C 222 -20.54 -18.13 11.26
CA SER C 222 -22.00 -17.99 11.44
C SER C 222 -22.68 -19.33 11.23
N LYS C 223 -21.89 -20.31 10.80
CA LYS C 223 -22.33 -21.68 10.54
C LYS C 223 -21.06 -22.44 10.23
N PRO C 224 -21.11 -23.77 10.32
CA PRO C 224 -19.93 -24.61 10.03
C PRO C 224 -19.38 -24.58 8.60
N SER C 225 -18.05 -24.73 8.54
CA SER C 225 -17.31 -24.74 7.31
C SER C 225 -17.64 -25.96 6.47
N TYR C 226 -17.62 -25.75 5.17
CA TYR C 226 -17.93 -26.80 4.22
C TYR C 226 -16.91 -26.79 3.13
N TYR C 227 -16.42 -27.98 2.80
CA TYR C 227 -15.47 -28.06 1.71
C TYR C 227 -16.35 -28.07 0.45
N LEU C 228 -15.84 -27.52 -0.64
CA LEU C 228 -16.59 -27.51 -1.87
C LEU C 228 -16.68 -28.92 -2.48
N ASP C 229 -16.43 -29.95 -1.65
CA ASP C 229 -16.49 -31.39 -1.99
C ASP C 229 -16.20 -32.18 -0.70
N PRO C 230 -17.21 -32.31 0.19
CA PRO C 230 -17.19 -33.00 1.49
C PRO C 230 -17.13 -34.52 1.49
N GLU C 231 -17.37 -35.14 0.34
CA GLU C 231 -17.33 -36.61 0.19
C GLU C 231 -15.91 -37.09 -0.03
N ALA C 232 -15.17 -36.35 -0.84
CA ALA C 232 -13.77 -36.63 -1.10
C ALA C 232 -13.01 -36.14 0.14
N ALA C 233 -13.75 -35.47 1.03
CA ALA C 233 -13.24 -34.92 2.29
C ALA C 233 -13.45 -35.90 3.49
N ALA C 234 -14.20 -36.97 3.26
CA ALA C 234 -14.47 -37.95 4.30
C ALA C 234 -13.43 -39.08 4.30
N PRO D 1 19.31 1.81 -12.34
CA PRO D 1 18.33 0.69 -12.24
C PRO D 1 18.28 -0.31 -13.42
N LYS D 2 17.48 -1.36 -13.29
CA LYS D 2 17.36 -2.42 -14.30
C LYS D 2 15.87 -2.68 -14.48
N LEU D 3 15.46 -2.92 -15.73
CA LEU D 3 14.07 -3.15 -16.07
C LEU D 3 14.04 -4.25 -17.09
N VAL D 4 13.04 -5.12 -17.01
CA VAL D 4 12.90 -6.26 -17.90
C VAL D 4 11.46 -6.30 -18.39
N LEU D 5 11.27 -6.21 -19.71
CA LEU D 5 9.93 -6.26 -20.30
C LEU D 5 9.74 -7.63 -20.93
N VAL D 6 8.49 -8.13 -20.94
CA VAL D 6 8.15 -9.44 -21.46
C VAL D 6 6.74 -9.52 -22.02
N ARG D 7 6.64 -9.73 -23.35
CA ARG D 7 5.35 -9.81 -24.00
C ARG D 7 4.92 -11.25 -23.95
N HIS D 8 3.65 -11.49 -23.60
CA HIS D 8 3.13 -12.86 -23.54
C HIS D 8 3.33 -13.50 -24.92
N GLY D 9 3.09 -14.79 -25.06
CA GLY D 9 3.27 -15.39 -26.37
C GLY D 9 1.92 -15.59 -26.97
N GLN D 10 1.79 -16.53 -27.90
CA GLN D 10 0.50 -16.75 -28.53
C GLN D 10 -0.64 -17.05 -27.54
N SER D 11 -1.82 -16.56 -27.85
CA SER D 11 -2.99 -16.79 -27.04
C SER D 11 -4.05 -17.60 -27.82
N GLU D 12 -5.01 -18.13 -27.07
CA GLU D 12 -6.11 -18.91 -27.63
C GLU D 12 -6.70 -18.25 -28.87
N TRP D 13 -7.08 -17.00 -28.74
CA TRP D 13 -7.64 -16.24 -29.85
C TRP D 13 -6.67 -15.89 -30.98
N ASN D 14 -5.38 -15.90 -30.67
CA ASN D 14 -4.36 -15.56 -31.63
C ASN D 14 -4.17 -16.66 -32.70
N GLU D 15 -4.54 -17.90 -32.36
CA GLU D 15 -4.42 -19.01 -33.29
C GLU D 15 -5.71 -19.19 -34.04
N LYS D 16 -6.75 -18.48 -33.61
CA LYS D 16 -8.04 -18.56 -34.27
C LYS D 16 -8.10 -17.33 -35.16
N ASN D 17 -7.07 -16.50 -35.09
CA ASN D 17 -7.03 -15.31 -35.93
C ASN D 17 -8.15 -14.30 -35.58
N LEU D 18 -8.35 -14.05 -34.29
CA LEU D 18 -9.36 -13.09 -33.87
C LEU D 18 -8.65 -11.97 -33.15
N PHE D 19 -9.14 -10.75 -33.34
CA PHE D 19 -8.53 -9.57 -32.70
C PHE D 19 -8.82 -9.62 -31.21
N THR D 20 -7.80 -9.42 -30.40
CA THR D 20 -8.07 -9.51 -28.99
C THR D 20 -8.31 -8.23 -28.25
N GLY D 21 -7.26 -7.42 -28.13
CA GLY D 21 -7.38 -6.15 -27.40
C GLY D 21 -7.57 -6.46 -25.94
N TRP D 22 -8.69 -6.05 -25.36
CA TRP D 22 -8.97 -6.27 -23.94
C TRP D 22 -9.80 -7.53 -23.63
N VAL D 23 -10.27 -8.30 -24.61
CA VAL D 23 -11.01 -9.49 -24.22
C VAL D 23 -10.02 -10.37 -23.47
N ASP D 24 -10.38 -10.75 -22.23
CA ASP D 24 -9.52 -11.59 -21.38
C ASP D 24 -9.42 -13.02 -21.90
N VAL D 25 -8.61 -13.15 -22.93
CA VAL D 25 -8.38 -14.41 -23.63
C VAL D 25 -7.22 -15.16 -22.96
N LYS D 26 -7.30 -16.48 -22.97
CA LYS D 26 -6.29 -17.29 -22.36
C LYS D 26 -5.03 -17.36 -23.21
N LEU D 27 -3.97 -17.87 -22.59
CA LEU D 27 -2.67 -18.06 -23.20
C LEU D 27 -2.60 -19.46 -23.87
N SER D 28 -2.37 -19.53 -25.17
CA SER D 28 -2.29 -20.83 -25.84
C SER D 28 -1.27 -21.79 -25.19
N ALA D 29 -1.34 -23.07 -25.55
CA ALA D 29 -0.40 -24.08 -25.05
C ALA D 29 1.02 -23.72 -25.42
N LYS D 30 1.15 -23.07 -26.57
CA LYS D 30 2.44 -22.63 -27.09
C LYS D 30 2.89 -21.41 -26.30
N GLY D 31 1.93 -20.57 -25.90
CA GLY D 31 2.21 -19.37 -25.12
C GLY D 31 2.73 -19.65 -23.71
N GLN D 32 2.40 -20.84 -23.20
CA GLN D 32 2.84 -21.28 -21.89
C GLN D 32 4.30 -21.72 -21.99
N GLN D 33 4.73 -22.17 -23.17
CA GLN D 33 6.11 -22.64 -23.37
C GLN D 33 7.06 -21.45 -23.53
N GLU D 34 6.64 -20.49 -24.36
CA GLU D 34 7.45 -19.31 -24.61
C GLU D 34 7.61 -18.57 -23.26
N ALA D 35 6.66 -18.82 -22.36
CA ALA D 35 6.63 -18.24 -21.02
C ALA D 35 7.77 -18.84 -20.26
N ALA D 36 7.78 -20.15 -20.23
CA ALA D 36 8.81 -20.94 -19.56
C ALA D 36 10.21 -20.62 -20.08
N ARG D 37 10.35 -20.40 -21.40
CA ARG D 37 11.66 -20.08 -21.99
C ARG D 37 12.13 -18.69 -21.49
N ALA D 38 11.18 -17.80 -21.25
CA ALA D 38 11.52 -16.48 -20.74
C ALA D 38 11.99 -16.70 -19.29
N GLY D 39 11.27 -17.56 -18.57
CA GLY D 39 11.63 -17.80 -17.18
C GLY D 39 13.06 -18.24 -17.10
N GLU D 40 13.29 -19.34 -17.82
CA GLU D 40 14.57 -20.02 -17.96
C GLU D 40 15.67 -19.08 -18.45
N LEU D 41 15.31 -18.13 -19.32
CA LEU D 41 16.27 -17.17 -19.86
C LEU D 41 16.62 -16.13 -18.81
N LEU D 42 15.71 -15.93 -17.84
CA LEU D 42 15.91 -14.98 -16.74
C LEU D 42 16.89 -15.62 -15.80
N LYS D 43 16.58 -16.87 -15.41
CA LYS D 43 17.39 -17.67 -14.48
C LYS D 43 18.82 -17.76 -15.05
N GLU D 44 18.91 -18.35 -16.25
CA GLU D 44 20.12 -18.56 -17.06
C GLU D 44 21.03 -17.31 -17.17
N LYS D 45 20.45 -16.28 -17.78
CA LYS D 45 21.11 -15.00 -18.05
C LYS D 45 21.22 -14.06 -16.87
N LYS D 46 20.99 -14.61 -15.67
CA LYS D 46 21.09 -13.92 -14.38
C LYS D 46 20.42 -12.56 -14.10
N VAL D 47 19.24 -12.33 -14.68
CA VAL D 47 18.49 -11.11 -14.43
C VAL D 47 17.57 -11.52 -13.29
N TYR D 48 17.59 -10.71 -12.22
CA TYR D 48 16.79 -11.03 -11.04
C TYR D 48 15.79 -9.99 -10.51
N PRO D 49 14.50 -10.14 -10.89
CA PRO D 49 13.32 -9.34 -10.57
C PRO D 49 12.96 -9.21 -9.11
N ASP D 50 13.16 -8.02 -8.53
CA ASP D 50 12.81 -7.82 -7.11
C ASP D 50 11.30 -7.56 -6.96
N VAL D 51 10.67 -7.05 -8.02
CA VAL D 51 9.22 -6.78 -8.03
C VAL D 51 8.70 -6.96 -9.45
N LEU D 52 7.42 -7.31 -9.53
CA LEU D 52 6.73 -7.56 -10.81
C LEU D 52 5.53 -6.64 -11.09
N TYR D 53 5.34 -6.22 -12.34
CA TYR D 53 4.18 -5.43 -12.75
C TYR D 53 3.52 -6.10 -13.94
N THR D 54 2.25 -6.48 -13.82
CA THR D 54 1.54 -7.03 -14.97
C THR D 54 0.39 -6.07 -15.31
N SER D 55 -0.43 -6.43 -16.29
CA SER D 55 -1.62 -5.70 -16.74
C SER D 55 -2.76 -6.43 -16.05
N LYS D 56 -4.02 -6.23 -16.45
CA LYS D 56 -5.08 -7.02 -15.79
C LYS D 56 -5.66 -8.09 -16.72
N LEU D 57 -4.98 -8.30 -17.86
CA LEU D 57 -5.35 -9.29 -18.86
C LEU D 57 -4.61 -10.57 -18.51
N SER D 58 -5.36 -11.61 -18.22
CA SER D 58 -4.78 -12.91 -17.85
C SER D 58 -3.65 -13.48 -18.71
N ARG D 59 -3.65 -13.31 -20.02
CA ARG D 59 -2.53 -13.84 -20.82
C ARG D 59 -1.21 -13.27 -20.30
N ALA D 60 -1.18 -11.99 -19.92
CA ALA D 60 0.03 -11.34 -19.35
C ALA D 60 0.45 -11.95 -17.98
N ILE D 61 -0.54 -12.09 -17.11
CA ILE D 61 -0.41 -12.59 -15.75
C ILE D 61 0.10 -13.99 -15.76
N GLN D 62 -0.57 -14.82 -16.54
CA GLN D 62 -0.15 -16.23 -16.68
C GLN D 62 1.32 -16.37 -17.13
N THR D 63 1.79 -15.40 -17.93
CA THR D 63 3.17 -15.39 -18.43
C THR D 63 4.23 -15.21 -17.37
N ALA D 64 3.98 -14.23 -16.48
CA ALA D 64 4.84 -13.88 -15.35
C ALA D 64 4.85 -15.07 -14.43
N ASN D 65 3.67 -15.61 -14.17
CA ASN D 65 3.49 -16.74 -13.28
C ASN D 65 4.39 -17.91 -13.58
N ILE D 66 4.33 -18.34 -14.86
CA ILE D 66 5.08 -19.47 -15.40
C ILE D 66 6.55 -19.11 -15.48
N ALA D 67 6.83 -17.89 -15.91
CA ALA D 67 8.21 -17.43 -16.02
C ALA D 67 8.89 -17.38 -14.66
N LEU D 68 8.22 -16.77 -13.68
CA LEU D 68 8.82 -16.66 -12.33
C LEU D 68 8.98 -18.01 -11.63
N GLU D 69 8.17 -18.97 -12.07
CA GLU D 69 8.16 -20.34 -11.56
C GLU D 69 9.49 -20.97 -11.91
N LYS D 70 9.92 -20.73 -13.16
CA LYS D 70 11.18 -21.24 -13.74
C LYS D 70 12.46 -20.48 -13.31
N ALA D 71 12.31 -19.24 -12.86
CA ALA D 71 13.42 -18.42 -12.37
C ALA D 71 13.53 -18.52 -10.81
N ASP D 72 12.57 -19.22 -10.19
CA ASP D 72 12.47 -19.42 -8.74
C ASP D 72 12.16 -18.18 -7.88
N ARG D 73 11.68 -17.10 -8.51
CA ARG D 73 11.30 -15.86 -7.79
C ARG D 73 9.80 -15.71 -7.77
N LEU D 74 9.11 -16.81 -7.49
CA LEU D 74 7.65 -16.80 -7.46
C LEU D 74 7.06 -15.91 -6.39
N TRP D 75 7.85 -15.70 -5.33
CA TRP D 75 7.56 -14.93 -4.11
C TRP D 75 7.66 -13.40 -4.14
N ILE D 76 8.09 -12.82 -5.25
CA ILE D 76 8.24 -11.37 -5.33
C ILE D 76 6.90 -10.62 -5.38
N PRO D 77 6.88 -9.36 -4.97
CA PRO D 77 5.67 -8.52 -4.96
C PRO D 77 4.95 -8.37 -6.30
N VAL D 78 3.63 -8.29 -6.24
CA VAL D 78 2.84 -8.17 -7.45
C VAL D 78 1.77 -7.07 -7.54
N ASN D 79 1.90 -6.25 -8.61
CA ASN D 79 0.96 -5.16 -8.91
C ASN D 79 0.42 -5.32 -10.32
N ARG D 80 -0.84 -4.91 -10.49
CA ARG D 80 -1.54 -5.00 -11.74
C ARG D 80 -2.23 -3.66 -12.03
N SER D 81 -2.36 -3.35 -13.31
CA SER D 81 -3.01 -2.12 -13.64
C SER D 81 -3.55 -2.24 -15.03
N TRP D 82 -4.68 -1.58 -15.25
CA TRP D 82 -5.30 -1.56 -16.56
C TRP D 82 -4.42 -0.77 -17.51
N ARG D 83 -3.53 0.05 -16.95
CA ARG D 83 -2.63 0.88 -17.76
C ARG D 83 -1.53 0.14 -18.48
N LEU D 84 -1.34 -1.13 -18.13
CA LEU D 84 -0.33 -1.95 -18.76
C LEU D 84 -0.99 -2.80 -19.85
N ASN D 85 -2.33 -2.82 -19.83
CA ASN D 85 -3.19 -3.52 -20.77
C ASN D 85 -2.86 -3.29 -22.23
N GLU D 86 -3.28 -4.21 -23.10
CA GLU D 86 -3.06 -4.13 -24.55
C GLU D 86 -3.91 -2.97 -25.03
N ARG D 87 -3.76 -2.62 -26.29
CA ARG D 87 -4.57 -1.56 -26.87
C ARG D 87 -5.98 -2.15 -26.96
N HIS D 88 -6.98 -1.28 -26.86
CA HIS D 88 -8.35 -1.78 -26.98
C HIS D 88 -8.65 -1.82 -28.51
N TYR D 89 -9.33 -2.86 -28.98
CA TYR D 89 -9.59 -2.94 -30.41
C TYR D 89 -10.95 -2.46 -30.89
N GLY D 90 -11.73 -1.92 -29.97
CA GLY D 90 -13.04 -1.38 -30.27
C GLY D 90 -13.97 -2.35 -30.95
N ASP D 91 -14.57 -1.91 -32.07
CA ASP D 91 -15.52 -2.70 -32.92
C ASP D 91 -14.80 -3.99 -33.35
N LEU D 92 -13.54 -3.80 -33.72
CA LEU D 92 -12.62 -4.84 -34.14
C LEU D 92 -12.31 -5.91 -33.11
N GLN D 93 -12.82 -5.76 -31.88
CA GLN D 93 -12.59 -6.77 -30.86
C GLN D 93 -13.45 -8.02 -31.11
N GLY D 94 -12.76 -9.16 -31.26
CA GLY D 94 -13.39 -10.45 -31.49
C GLY D 94 -13.91 -10.70 -32.91
N LYS D 95 -13.32 -9.98 -33.86
CA LYS D 95 -13.65 -10.00 -35.29
C LYS D 95 -12.54 -10.80 -35.91
N ASP D 96 -12.81 -11.57 -36.98
CA ASP D 96 -11.79 -12.40 -37.65
C ASP D 96 -10.83 -11.49 -38.36
N LYS D 97 -9.53 -11.61 -38.07
CA LYS D 97 -8.51 -10.74 -38.67
C LYS D 97 -8.54 -10.75 -40.17
N ALA D 98 -8.56 -11.94 -40.78
CA ALA D 98 -8.60 -12.07 -42.22
C ALA D 98 -9.93 -11.66 -42.85
N GLU D 99 -11.03 -11.79 -42.09
CA GLU D 99 -12.39 -11.44 -42.54
C GLU D 99 -12.56 -9.94 -42.50
N THR D 100 -11.67 -9.31 -41.77
CA THR D 100 -11.72 -7.88 -41.59
C THR D 100 -10.85 -7.20 -42.63
N LEU D 101 -9.86 -7.93 -43.13
CA LEU D 101 -8.97 -7.38 -44.13
C LEU D 101 -9.77 -7.22 -45.39
N LYS D 102 -10.68 -8.15 -45.65
CA LYS D 102 -11.50 -8.10 -46.86
C LYS D 102 -12.63 -7.06 -46.85
N LYS D 103 -13.17 -6.76 -45.67
CA LYS D 103 -14.25 -5.77 -45.55
C LYS D 103 -13.75 -4.33 -45.62
N PHE D 104 -12.51 -4.13 -45.15
CA PHE D 104 -11.88 -2.81 -45.11
C PHE D 104 -10.89 -2.56 -46.25
N GLY D 105 -10.39 -3.62 -46.87
CA GLY D 105 -9.42 -3.43 -47.95
C GLY D 105 -8.10 -3.02 -47.32
N GLU D 106 -7.04 -3.77 -47.64
CA GLU D 106 -5.68 -3.58 -47.12
C GLU D 106 -5.19 -2.26 -46.50
N GLU D 107 -5.66 -1.13 -47.02
CA GLU D 107 -5.25 0.17 -46.48
C GLU D 107 -5.91 0.56 -45.15
N LYS D 108 -7.24 0.51 -45.07
CA LYS D 108 -7.95 0.83 -43.81
C LYS D 108 -7.60 -0.17 -42.66
N PHE D 109 -7.43 -1.43 -43.04
CA PHE D 109 -7.10 -2.52 -42.15
C PHE D 109 -5.77 -2.25 -41.47
N ASN D 110 -4.75 -1.95 -42.27
CA ASN D 110 -3.38 -1.67 -41.85
C ASN D 110 -3.23 -0.39 -41.02
N THR D 111 -4.01 0.65 -41.31
CA THR D 111 -3.92 1.88 -40.52
C THR D 111 -4.40 1.57 -39.10
N TYR D 112 -5.44 0.74 -39.04
CA TYR D 112 -6.02 0.32 -37.78
C TYR D 112 -5.02 -0.61 -37.02
N ARG D 113 -4.33 -1.49 -37.74
CA ARG D 113 -3.37 -2.36 -37.11
C ARG D 113 -2.08 -1.66 -36.67
N ARG D 114 -1.42 -0.95 -37.58
CA ARG D 114 -0.15 -0.33 -37.24
C ARG D 114 0.01 1.22 -37.17
N SER D 115 -1.06 2.01 -37.27
CA SER D 115 -0.86 3.45 -37.14
C SER D 115 -0.73 3.86 -35.66
N PHE D 116 -0.04 4.97 -35.49
CA PHE D 116 0.20 5.56 -34.19
C PHE D 116 -1.06 6.17 -33.60
N ASP D 117 -1.91 6.76 -34.43
CA ASP D 117 -3.09 7.44 -33.90
C ASP D 117 -4.52 7.29 -34.46
N VAL D 118 -4.81 6.24 -35.22
CA VAL D 118 -6.18 6.07 -35.73
C VAL D 118 -6.81 4.88 -35.04
N PRO D 119 -7.88 5.12 -34.24
CA PRO D 119 -8.51 3.99 -33.56
C PRO D 119 -9.67 3.31 -34.25
N PRO D 120 -9.83 2.02 -34.06
CA PRO D 120 -10.98 1.36 -34.72
C PRO D 120 -12.24 2.10 -34.21
N PRO D 121 -13.44 1.88 -34.80
CA PRO D 121 -14.57 2.62 -34.22
C PRO D 121 -14.81 2.11 -32.78
N PRO D 122 -15.45 2.91 -31.89
CA PRO D 122 -15.69 2.39 -30.53
C PRO D 122 -16.62 1.18 -30.55
N ILE D 123 -16.64 0.38 -29.47
CA ILE D 123 -17.51 -0.78 -29.40
C ILE D 123 -18.83 -0.36 -28.69
N ASP D 124 -19.88 -1.17 -28.83
CA ASP D 124 -21.17 -0.89 -28.18
C ASP D 124 -21.09 -1.35 -26.72
N ALA D 125 -21.82 -0.68 -25.83
CA ALA D 125 -21.80 -1.09 -24.43
C ALA D 125 -22.48 -2.48 -24.31
N SER D 126 -23.35 -2.77 -25.27
CA SER D 126 -24.07 -4.03 -25.31
C SER D 126 -23.32 -5.21 -25.95
N SER D 127 -22.24 -4.94 -26.69
CA SER D 127 -21.47 -6.02 -27.34
C SER D 127 -21.00 -7.11 -26.36
N PRO D 128 -20.77 -8.32 -26.89
CA PRO D 128 -20.31 -9.40 -26.03
C PRO D 128 -18.79 -9.34 -25.84
N PHE D 129 -18.14 -8.44 -26.58
CA PHE D 129 -16.68 -8.25 -26.52
C PHE D 129 -16.34 -6.88 -25.93
N SER D 130 -17.30 -6.40 -25.13
CA SER D 130 -17.25 -5.13 -24.43
C SER D 130 -16.91 -5.44 -23.00
N GLN D 131 -16.10 -4.57 -22.39
CA GLN D 131 -15.69 -4.72 -21.00
C GLN D 131 -16.32 -3.62 -20.12
N LYS D 132 -17.32 -2.93 -20.66
CA LYS D 132 -18.00 -1.87 -19.95
C LYS D 132 -18.60 -2.52 -18.70
N GLY D 133 -18.02 -2.21 -17.54
CA GLY D 133 -18.48 -2.75 -16.28
C GLY D 133 -17.90 -4.07 -15.82
N ASP D 134 -16.70 -4.43 -16.30
CA ASP D 134 -15.99 -5.66 -15.90
C ASP D 134 -15.52 -5.50 -14.43
N GLU D 135 -15.67 -6.57 -13.66
CA GLU D 135 -15.30 -6.58 -12.26
C GLU D 135 -13.88 -6.14 -11.93
N ARG D 136 -12.93 -6.39 -12.81
CA ARG D 136 -11.52 -6.04 -12.54
C ARG D 136 -11.19 -4.59 -12.82
N TYR D 137 -12.20 -3.84 -13.26
CA TYR D 137 -12.06 -2.43 -13.57
C TYR D 137 -13.13 -1.71 -12.79
N LYS D 138 -13.48 -2.19 -11.59
CA LYS D 138 -14.55 -1.55 -10.86
C LYS D 138 -14.20 -0.40 -9.94
N TYR D 139 -12.92 -0.26 -9.64
CA TYR D 139 -12.44 0.82 -8.74
C TYR D 139 -11.64 1.89 -9.50
N VAL D 140 -11.94 2.03 -10.79
CA VAL D 140 -11.30 3.01 -11.67
C VAL D 140 -12.42 3.93 -12.15
N ASP D 141 -12.10 5.21 -12.36
CA ASP D 141 -13.04 6.23 -12.84
C ASP D 141 -13.73 5.67 -14.10
N PRO D 142 -15.02 5.31 -14.00
CA PRO D 142 -15.75 4.78 -15.16
C PRO D 142 -15.51 5.62 -16.43
N ASN D 143 -15.37 6.94 -16.28
CA ASN D 143 -15.16 7.84 -17.43
C ASN D 143 -13.89 7.62 -18.25
N VAL D 144 -12.83 7.12 -17.62
CA VAL D 144 -11.57 6.93 -18.34
C VAL D 144 -11.36 5.61 -19.17
N LEU D 145 -12.16 4.60 -18.83
CA LEU D 145 -12.14 3.30 -19.49
C LEU D 145 -12.44 3.51 -20.99
N PRO D 146 -11.56 3.01 -21.86
CA PRO D 146 -11.81 3.21 -23.28
C PRO D 146 -12.77 2.18 -23.82
N GLU D 147 -13.32 2.54 -24.97
CA GLU D 147 -14.25 1.73 -25.75
C GLU D 147 -13.57 1.48 -27.14
N THR D 148 -12.34 2.00 -27.25
CA THR D 148 -11.39 1.84 -28.37
C THR D 148 -10.07 2.57 -28.01
N GLU D 149 -9.05 2.46 -28.86
CA GLU D 149 -7.75 3.09 -28.56
C GLU D 149 -6.77 2.94 -29.72
N SER D 150 -5.61 3.57 -29.56
CA SER D 150 -4.50 3.53 -30.55
C SER D 150 -3.21 3.61 -29.74
N LEU D 151 -2.06 3.37 -30.37
CA LEU D 151 -0.78 3.44 -29.66
C LEU D 151 -0.74 4.78 -28.90
N ALA D 152 -1.00 5.86 -29.64
CA ALA D 152 -1.01 7.21 -29.11
C ALA D 152 -1.63 7.29 -27.72
N LEU D 153 -2.89 6.82 -27.66
CA LEU D 153 -3.73 6.81 -26.49
C LEU D 153 -3.21 5.91 -25.43
N VAL D 154 -2.92 4.67 -25.84
CA VAL D 154 -2.39 3.67 -24.92
C VAL D 154 -1.29 4.30 -24.13
N ILE D 155 -0.43 5.07 -24.78
CA ILE D 155 0.68 5.72 -24.08
C ILE D 155 0.15 6.87 -23.18
N ASP D 156 -0.80 7.68 -23.67
CA ASP D 156 -1.35 8.75 -22.84
C ASP D 156 -1.72 8.18 -21.47
N ARG D 157 -2.27 6.95 -21.46
CA ARG D 157 -2.71 6.24 -20.21
C ARG D 157 -1.72 5.35 -19.46
N LEU D 158 -0.68 4.87 -20.13
CA LEU D 158 0.31 4.03 -19.45
C LEU D 158 1.27 4.90 -18.68
N LEU D 159 1.75 5.95 -19.34
CA LEU D 159 2.68 6.89 -18.72
C LEU D 159 2.51 7.28 -17.23
N PRO D 160 1.30 7.61 -16.76
CA PRO D 160 1.04 8.00 -15.35
C PRO D 160 1.30 6.92 -14.26
N TYR D 161 1.26 5.67 -14.66
CA TYR D 161 1.50 4.52 -13.80
C TYR D 161 2.99 4.32 -13.81
N TRP D 162 3.61 4.68 -14.91
CA TRP D 162 5.04 4.52 -15.03
C TRP D 162 5.71 5.65 -14.26
N GLN D 163 5.14 6.83 -14.40
CA GLN D 163 5.69 8.01 -13.75
C GLN D 163 5.69 7.99 -12.21
N ASP D 164 4.63 7.43 -11.62
CA ASP D 164 4.40 7.41 -10.19
C ASP D 164 4.65 6.16 -9.46
N VAL D 165 4.16 5.10 -10.09
CA VAL D 165 4.17 3.75 -9.53
C VAL D 165 5.36 2.81 -9.76
N ILE D 166 5.63 2.53 -11.04
CA ILE D 166 6.73 1.68 -11.48
C ILE D 166 8.05 2.43 -11.30
N ALA D 167 8.02 3.76 -11.23
CA ALA D 167 9.27 4.51 -11.06
C ALA D 167 9.78 4.57 -9.63
N LYS D 168 8.89 4.51 -8.63
CA LYS D 168 9.38 4.55 -7.23
C LYS D 168 10.32 3.36 -7.08
N ASP D 169 9.85 2.18 -7.47
CA ASP D 169 10.64 0.96 -7.40
C ASP D 169 11.99 1.09 -8.12
N LEU D 170 11.99 1.57 -9.36
CA LEU D 170 13.25 1.74 -10.11
C LEU D 170 14.23 2.65 -9.36
N LEU D 171 13.77 3.83 -8.96
CA LEU D 171 14.62 4.79 -8.23
C LEU D 171 14.89 4.34 -6.80
N SER D 172 14.12 3.35 -6.35
CA SER D 172 14.31 2.78 -5.03
C SER D 172 15.40 1.71 -5.19
N GLY D 173 15.98 1.59 -6.38
CA GLY D 173 17.03 0.61 -6.56
C GLY D 173 16.55 -0.75 -7.06
N LYS D 174 15.30 -1.09 -6.78
CA LYS D 174 14.73 -2.35 -7.21
C LYS D 174 14.86 -2.63 -8.74
N THR D 175 14.75 -3.91 -9.07
CA THR D 175 14.81 -4.41 -10.44
C THR D 175 13.38 -4.81 -10.83
N VAL D 176 12.81 -4.06 -11.77
CA VAL D 176 11.44 -4.29 -12.16
C VAL D 176 11.20 -5.14 -13.38
N MET D 177 10.25 -6.06 -13.24
CA MET D 177 9.78 -6.90 -14.29
C MET D 177 8.39 -6.40 -14.64
N ILE D 178 8.13 -6.28 -15.94
CA ILE D 178 6.83 -5.91 -16.46
C ILE D 178 6.50 -7.01 -17.46
N ALA D 179 5.28 -7.51 -17.36
CA ALA D 179 4.78 -8.56 -18.22
C ALA D 179 3.48 -7.95 -18.63
N ALA D 180 3.44 -7.48 -19.88
CA ALA D 180 2.28 -6.84 -20.41
C ALA D 180 2.07 -7.33 -21.80
N HIS D 181 1.60 -6.43 -22.65
CA HIS D 181 1.24 -6.74 -24.01
C HIS D 181 2.07 -6.04 -25.08
N GLY D 182 1.80 -6.44 -26.33
CA GLY D 182 2.47 -5.93 -27.52
C GLY D 182 2.49 -4.43 -27.70
N ASN D 183 1.30 -3.83 -27.81
CA ASN D 183 1.17 -2.38 -27.99
C ASN D 183 1.66 -1.59 -26.78
N SER D 184 1.32 -2.04 -25.56
CA SER D 184 1.75 -1.33 -24.35
C SER D 184 3.25 -1.36 -24.10
N LEU D 185 3.93 -2.40 -24.55
CA LEU D 185 5.39 -2.46 -24.35
C LEU D 185 6.10 -1.65 -25.43
N ARG D 186 5.56 -1.67 -26.64
CA ARG D 186 6.15 -0.84 -27.68
C ARG D 186 5.95 0.60 -27.23
N GLY D 187 4.78 0.88 -26.69
CA GLY D 187 4.50 2.22 -26.18
C GLY D 187 5.48 2.63 -25.07
N LEU D 188 5.80 1.71 -24.15
CA LEU D 188 6.75 2.02 -23.08
C LEU D 188 8.13 2.23 -23.67
N VAL D 189 8.52 1.38 -24.62
CA VAL D 189 9.84 1.45 -25.24
C VAL D 189 10.04 2.72 -26.08
N LYS D 190 8.94 3.23 -26.67
CA LYS D 190 9.02 4.46 -27.47
C LYS D 190 9.36 5.62 -26.55
N HIS D 191 8.64 5.69 -25.42
CA HIS D 191 8.84 6.75 -24.43
C HIS D 191 10.30 6.67 -24.06
N LEU D 192 10.74 5.44 -23.81
CA LEU D 192 12.10 5.15 -23.39
C LEU D 192 13.24 5.50 -24.36
N GLU D 193 13.17 5.01 -25.60
CA GLU D 193 14.25 5.25 -26.54
C GLU D 193 14.19 6.56 -27.31
N GLY D 194 13.06 7.26 -27.18
CA GLY D 194 12.90 8.55 -27.84
C GLY D 194 12.39 8.51 -29.26
N ILE D 195 12.13 7.31 -29.78
CA ILE D 195 11.64 7.09 -31.16
C ILE D 195 10.53 8.04 -31.64
N SER D 196 10.57 8.43 -32.90
CA SER D 196 9.55 9.36 -33.37
C SER D 196 8.20 8.66 -33.56
N ASP D 197 7.16 9.46 -33.84
CA ASP D 197 5.80 9.00 -34.05
C ASP D 197 5.83 8.10 -35.30
N ALA D 198 6.51 8.60 -36.32
CA ALA D 198 6.67 7.92 -37.60
C ALA D 198 7.36 6.60 -37.47
N ASP D 199 8.36 6.57 -36.58
CA ASP D 199 9.20 5.40 -36.34
C ASP D 199 8.67 4.21 -35.52
N ILE D 200 7.91 4.45 -34.45
CA ILE D 200 7.41 3.35 -33.61
C ILE D 200 6.70 2.23 -34.38
N ALA D 201 6.23 2.52 -35.59
CA ALA D 201 5.56 1.53 -36.43
C ALA D 201 6.43 0.32 -36.77
N LYS D 202 7.74 0.56 -36.87
CA LYS D 202 8.72 -0.44 -37.23
C LYS D 202 9.26 -1.38 -36.11
N LEU D 203 8.89 -1.13 -34.86
CA LEU D 203 9.35 -1.92 -33.71
C LEU D 203 8.51 -3.17 -33.40
N ASN D 204 9.19 -4.30 -33.33
CA ASN D 204 8.50 -5.51 -32.99
C ASN D 204 9.15 -5.93 -31.72
N ILE D 205 8.30 -6.28 -30.77
CA ILE D 205 8.83 -6.77 -29.55
C ILE D 205 8.45 -8.23 -29.62
N PRO D 206 9.44 -9.08 -29.92
CA PRO D 206 9.33 -10.53 -30.06
C PRO D 206 8.81 -11.14 -28.76
N THR D 207 7.81 -12.00 -28.90
CA THR D 207 7.13 -12.66 -27.79
C THR D 207 7.93 -13.75 -27.05
N GLY D 208 7.89 -13.67 -25.71
CA GLY D 208 8.57 -14.62 -24.86
C GLY D 208 10.05 -14.37 -24.61
N ILE D 209 10.65 -13.32 -25.20
CA ILE D 209 12.06 -13.01 -24.91
C ILE D 209 12.05 -11.70 -24.17
N PRO D 210 12.55 -11.72 -22.91
CA PRO D 210 12.66 -10.61 -21.98
C PRO D 210 13.68 -9.66 -22.55
N LEU D 211 13.46 -8.35 -22.35
CA LEU D 211 14.33 -7.33 -22.87
C LEU D 211 14.77 -6.52 -21.68
N VAL D 212 16.08 -6.44 -21.49
CA VAL D 212 16.62 -5.69 -20.37
C VAL D 212 17.14 -4.29 -20.71
N PHE D 213 16.54 -3.31 -20.04
CA PHE D 213 16.95 -1.93 -20.17
C PHE D 213 17.64 -1.65 -18.84
N GLU D 214 18.88 -1.15 -18.92
CA GLU D 214 19.65 -0.74 -17.75
C GLU D 214 19.49 0.77 -17.88
N LEU D 215 18.95 1.41 -16.84
CA LEU D 215 18.66 2.83 -16.89
C LEU D 215 19.49 3.64 -15.93
N ASP D 216 19.55 4.96 -16.14
CA ASP D 216 20.24 5.87 -15.23
C ASP D 216 19.17 6.49 -14.32
N GLU D 217 19.61 7.41 -13.47
CA GLU D 217 18.72 8.06 -12.50
C GLU D 217 17.58 8.84 -13.18
N ASN D 218 17.85 9.32 -14.38
CA ASN D 218 16.86 10.08 -15.10
C ASN D 218 15.96 9.17 -15.89
N LEU D 219 16.03 7.88 -15.54
CA LEU D 219 15.22 6.80 -16.12
C LEU D 219 15.35 6.70 -17.63
N LYS D 220 16.58 6.87 -18.12
CA LYS D 220 16.87 6.81 -19.56
C LYS D 220 18.03 5.80 -19.67
N PRO D 221 18.04 4.96 -20.72
CA PRO D 221 19.09 3.96 -20.93
C PRO D 221 20.51 4.37 -20.52
N SER D 222 21.26 3.39 -19.98
CA SER D 222 22.65 3.57 -19.54
C SER D 222 23.50 3.22 -20.76
N LYS D 223 23.09 2.10 -21.37
CA LYS D 223 23.68 1.48 -22.56
C LYS D 223 22.45 1.03 -23.39
N PRO D 224 22.64 0.57 -24.64
CA PRO D 224 21.46 0.14 -25.41
C PRO D 224 20.88 -1.22 -24.97
N SER D 225 19.55 -1.31 -25.04
CA SER D 225 18.78 -2.48 -24.64
C SER D 225 19.24 -3.82 -25.22
N TYR D 226 19.32 -4.83 -24.35
CA TYR D 226 19.75 -6.15 -24.76
C TYR D 226 18.71 -7.22 -24.49
N TYR D 227 18.35 -7.94 -25.54
CA TYR D 227 17.45 -9.07 -25.41
C TYR D 227 18.34 -10.15 -24.76
N LEU D 228 17.75 -11.04 -23.98
CA LEU D 228 18.55 -12.06 -23.28
C LEU D 228 18.90 -13.20 -24.17
N ASP D 229 18.43 -13.10 -25.41
CA ASP D 229 18.66 -14.09 -26.44
C ASP D 229 18.61 -13.29 -27.75
N PRO D 230 19.78 -12.79 -28.20
CA PRO D 230 20.03 -11.98 -29.40
C PRO D 230 19.49 -12.51 -30.74
N GLU D 231 20.03 -13.63 -31.20
CA GLU D 231 19.64 -14.26 -32.47
C GLU D 231 18.16 -14.62 -32.53
N ALA D 232 17.56 -14.85 -31.37
CA ALA D 232 16.15 -15.17 -31.28
C ALA D 232 15.31 -13.91 -31.50
N ALA D 233 15.73 -12.79 -30.88
CA ALA D 233 15.05 -11.48 -30.99
C ALA D 233 15.20 -10.84 -32.36
N ALA D 234 16.33 -11.15 -33.00
CA ALA D 234 16.67 -10.66 -34.33
C ALA D 234 16.25 -11.65 -35.44
N ALA D 235 15.64 -12.78 -35.07
CA ALA D 235 15.16 -13.79 -36.02
C ALA D 235 13.70 -14.15 -35.71
S SO4 E . -0.54 31.52 -2.05
O1 SO4 E . -0.15 30.08 -2.00
O2 SO4 E . -0.59 31.89 -3.51
O3 SO4 E . -1.88 31.80 -1.43
O4 SO4 E . 0.45 32.36 -1.30
S SO4 F . -1.99 11.39 29.05
O1 SO4 F . -1.80 10.97 30.50
O2 SO4 F . -1.78 10.12 28.29
O3 SO4 F . -3.33 11.96 28.75
O4 SO4 F . -0.99 12.44 28.67
C1 BHC G . 3.08 -32.72 7.69
CO1 BHC G . 4.27 -31.92 8.26
O11 BHC G . 4.04 -30.72 8.78
O12 BHC G . 5.39 -32.47 8.18
C2 BHC G . 3.00 -33.05 6.31
CO2 BHC G . 4.02 -32.46 5.29
O21 BHC G . 3.67 -31.49 4.56
O22 BHC G . 5.15 -33.00 5.23
C3 BHC G . 1.99 -33.91 5.84
CO3 BHC G . 1.90 -34.26 4.35
O31 BHC G . 1.27 -33.44 3.54
O32 BHC G . 2.47 -35.33 4.00
C4 BHC G . 1.04 -34.43 6.75
CO4 BHC G . 0.01 -35.45 6.28
O41 BHC G . -0.97 -35.08 5.56
O42 BHC G . 0.18 -36.64 6.67
C5 BHC G . 1.09 -34.10 8.11
CO5 BHC G . 0.01 -34.62 9.07
O51 BHC G . -1.24 -34.40 8.76
O52 BHC G . 0.36 -35.25 10.10
C6 BHC G . 2.13 -33.24 8.57
CO6 BHC G . 2.20 -32.82 10.06
O61 BHC G . 1.87 -31.65 10.35
O62 BHC G . 3.09 -33.37 10.75
S SO4 H . -3.46 -12.16 -28.46
O1 SO4 H . -3.39 -11.33 -29.74
O2 SO4 H . -3.11 -11.20 -27.33
O3 SO4 H . -4.84 -12.73 -28.31
O4 SO4 H . -2.54 -13.37 -28.52
#